data_6RBC
#
_entry.id   6RBC
#
_cell.length_a   101.551
_cell.length_b   130.470
_cell.length_c   159.045
_cell.angle_alpha   90.00
_cell.angle_beta   90.00
_cell.angle_gamma   90.00
#
_symmetry.space_group_name_H-M   'I 2 2 2'
#
loop_
_entity.id
_entity.type
_entity.pdbx_description
1 polymer 'Glutamate carboxypeptidase 2'
2 branched 2-acetamido-2-deoxy-beta-D-glucopyranose-(1-4)-2-acetamido-2-deoxy-beta-D-glucopyranose
3 branched alpha-D-mannopyranose-(1-3)-beta-D-mannopyranose-(1-4)-2-acetamido-2-deoxy-beta-D-glucopyranose-(1-4)-2-acetamido-2-deoxy-beta-D-glucopyranose
4 non-polymer 2-acetamido-2-deoxy-beta-D-glucopyranose
5 non-polymer 'ZINC ION'
6 non-polymer 'CALCIUM ION'
7 non-polymer 'CHLORIDE ION'
8 non-polymer '(2~{S})-2-[[(2~{R})-2-[4-[(4-iodophenyl)carbonylamino]butanoylamino]-3-oxidanyl-3-oxidanylidene-propyl]carbamoylamino]pentanedioic acid'
9 water water
#
_entity_poly.entity_id   1
_entity_poly.type   'polypeptide(L)'
_entity_poly.pdbx_seq_one_letter_code
;KSSNEATNITPKHNMKAFLDELKAENIKKFLYNFTQIPHLAGTEQNFQLAKQIQSQWKEFGLDSVELAHYDVLLSYPNKT
HPNYISIINEDGNEIFNTSLFEPPPPGYENVSDIVPPFSAFSPQGMPEGDLVYVNYARTEDFFKLERDMKINCSGKIVIA
RYGKVFRGNKVKNAQLAGAKGVILYSDPADYFAPGVKSYPDGWNLPGGGVQRGNILNLNGAGDPLTPGYPANEYAYRRGI
AEAVGLPSIPVHPIGYYDAQKLLEKMGGSAPPDSSWRGSLKVPYNVGPGFTGNFSTQKVKMHIHSTNEVTRIYNVIGTLR
GAVEPDRYVILGGHRDSWVFGGIDPQSGAAVVHEIVRSFGTLKKEGWRPRRTILFASWDAEEFGLLGSTEWAEENSRLLQ
ERGVAYINADSSIEGNYTLRVDCTPLMYSLVHNLTKELKSPDEGFEGKSLYESWTKKSPSPEFSGMPRISKLGSGNDFEV
FFQRLGIASGRARYTKNWETNKFSGYPLYHSVYETYELVEKFYDPMFKYHLTVAQVRGGMVFELANSIVLPFDCRDYAVV
LRKYADKIYSISMKHPQEMKTYSVSFDSLFSAVKNFTEIASKFSERLQDFDKSNPIVLRMMNDQLMFLERAFIDPLGLPD
RPFYRHVIYAPSSHNKYAGESFPGIYDALFDIESKVDPSKAWGEVKRQIYVAAFTVQAAAETLSEVA
;
_entity_poly.pdbx_strand_id   A
#
# COMPACT_ATOMS: atom_id res chain seq x y z
N LYS A 12 16.46 5.71 33.72
CA LYS A 12 15.28 6.50 33.28
C LYS A 12 14.49 5.71 32.23
N HIS A 13 13.16 5.90 32.24
CA HIS A 13 12.29 5.38 31.20
C HIS A 13 11.96 6.49 30.22
N ASN A 14 12.71 6.52 29.11
CA ASN A 14 12.65 7.57 28.11
C ASN A 14 12.82 6.91 26.75
N MET A 15 12.90 7.71 25.68
CA MET A 15 12.89 7.02 24.39
C MET A 15 14.18 6.22 24.24
N LYS A 16 15.29 6.75 24.78
CA LYS A 16 16.54 6.03 24.65
C LYS A 16 16.44 4.65 25.33
N ALA A 17 15.79 4.56 26.49
CA ALA A 17 15.63 3.25 27.11
C ALA A 17 14.85 2.31 26.18
N PHE A 18 13.77 2.83 25.57
CA PHE A 18 12.97 2.03 24.65
C PHE A 18 13.84 1.52 23.49
N LEU A 19 14.54 2.46 22.85
CA LEU A 19 15.29 2.14 21.65
C LEU A 19 16.42 1.15 21.95
N ASP A 20 17.05 1.28 23.12
CA ASP A 20 18.24 0.46 23.41
C ASP A 20 17.85 -1.00 23.68
N GLU A 21 16.61 -1.23 24.10
CA GLU A 21 16.11 -2.56 24.40
C GLU A 21 15.89 -3.37 23.11
N LEU A 22 15.67 -2.70 21.97
CA LEU A 22 15.46 -3.37 20.68
C LEU A 22 16.73 -4.13 20.26
N LYS A 23 16.61 -5.39 19.82
CA LYS A 23 17.79 -6.17 19.46
CA LYS A 23 17.79 -6.15 19.44
C LYS A 23 17.65 -6.76 18.05
N ALA A 24 18.67 -6.57 17.20
CA ALA A 24 18.76 -7.18 15.89
C ALA A 24 18.55 -8.69 15.98
N GLU A 25 19.13 -9.31 17.02
CA GLU A 25 19.12 -10.77 17.13
C GLU A 25 17.70 -11.28 17.39
N ASN A 26 16.92 -10.51 18.18
CA ASN A 26 15.54 -10.89 18.43
C ASN A 26 14.72 -10.83 17.14
N ILE A 27 14.91 -9.76 16.36
CA ILE A 27 14.16 -9.62 15.12
C ILE A 27 14.48 -10.81 14.21
N LYS A 28 15.77 -11.21 14.18
CA LYS A 28 16.16 -12.35 13.35
C LYS A 28 15.45 -13.62 13.80
N LYS A 29 15.48 -13.92 15.09
CA LYS A 29 14.78 -15.08 15.64
C LYS A 29 13.28 -15.08 15.31
N PHE A 30 12.63 -13.91 15.46
CA PHE A 30 11.20 -13.84 15.16
C PHE A 30 10.96 -14.07 13.68
N LEU A 31 11.79 -13.48 12.81
CA LEU A 31 11.58 -13.67 11.39
C LEU A 31 11.70 -15.14 11.03
N TYR A 32 12.75 -15.80 11.56
CA TYR A 32 12.85 -17.24 11.35
C TYR A 32 11.58 -17.96 11.80
N ASN A 33 11.09 -17.64 13.00
CA ASN A 33 9.94 -18.29 13.59
C ASN A 33 8.67 -18.14 12.74
N PHE A 34 8.55 -16.99 12.01
CA PHE A 34 7.32 -16.62 11.33
C PHE A 34 7.29 -17.08 9.88
N THR A 35 8.37 -17.76 9.40
CA THR A 35 8.51 -17.97 7.97
C THR A 35 8.80 -19.44 7.62
N GLN A 36 8.61 -20.36 8.56
CA GLN A 36 8.92 -21.77 8.30
C GLN A 36 7.82 -22.46 7.49
N ILE A 37 6.55 -22.02 7.64
CA ILE A 37 5.43 -22.63 6.91
C ILE A 37 4.60 -21.49 6.31
N PRO A 38 3.75 -21.73 5.28
CA PRO A 38 2.93 -20.66 4.73
C PRO A 38 1.91 -20.22 5.77
N HIS A 39 1.52 -18.95 5.69
CA HIS A 39 0.48 -18.39 6.52
C HIS A 39 -0.56 -17.65 5.66
N LEU A 40 -1.20 -18.38 4.73
CA LEU A 40 -2.21 -17.79 3.86
C LEU A 40 -3.47 -17.43 4.66
N ALA A 41 -4.03 -16.24 4.36
CA ALA A 41 -5.23 -15.83 5.08
C ALA A 41 -6.31 -16.91 4.94
N GLY A 42 -7.01 -17.11 6.06
CA GLY A 42 -8.15 -18.02 6.09
C GLY A 42 -7.74 -19.46 6.34
N THR A 43 -6.44 -19.73 6.49
CA THR A 43 -6.01 -21.11 6.66
C THR A 43 -5.72 -21.39 8.12
N GLU A 44 -5.65 -22.68 8.48
CA GLU A 44 -5.50 -23.04 9.88
C GLU A 44 -4.14 -22.57 10.42
N GLN A 45 -3.09 -22.65 9.59
CA GLN A 45 -1.75 -22.28 10.04
CA GLN A 45 -1.72 -22.25 9.92
C GLN A 45 -1.69 -20.79 10.36
N ASN A 46 -2.52 -19.98 9.69
CA ASN A 46 -2.47 -18.54 10.00
C ASN A 46 -3.30 -18.23 11.25
N PHE A 47 -4.33 -19.06 11.54
CA PHE A 47 -5.03 -18.98 12.81
C PHE A 47 -4.07 -19.42 13.93
N GLN A 48 -3.30 -20.49 13.68
CA GLN A 48 -2.35 -20.89 14.71
C GLN A 48 -1.33 -19.79 15.03
N LEU A 49 -0.81 -19.12 14.00
CA LEU A 49 0.19 -18.08 14.26
C LEU A 49 -0.48 -16.90 15.00
N ALA A 50 -1.74 -16.58 14.64
CA ALA A 50 -2.48 -15.56 15.40
C ALA A 50 -2.49 -15.88 16.89
N LYS A 51 -2.82 -17.12 17.24
CA LYS A 51 -2.87 -17.53 18.64
C LYS A 51 -1.50 -17.46 19.31
N GLN A 52 -0.45 -17.83 18.56
CA GLN A 52 0.91 -17.71 19.08
C GLN A 52 1.24 -16.25 19.37
N ILE A 53 0.93 -15.34 18.44
CA ILE A 53 1.27 -13.93 18.65
C ILE A 53 0.47 -13.39 19.83
N GLN A 54 -0.81 -13.76 19.88
CA GLN A 54 -1.62 -13.35 21.02
C GLN A 54 -0.96 -13.78 22.34
N SER A 55 -0.58 -15.05 22.43
CA SER A 55 0.05 -15.54 23.66
C SER A 55 1.32 -14.76 24.01
N GLN A 56 2.21 -14.56 23.02
CA GLN A 56 3.47 -13.87 23.28
C GLN A 56 3.29 -12.41 23.65
N TRP A 57 2.38 -11.69 22.98
CA TRP A 57 2.10 -10.31 23.37
C TRP A 57 1.62 -10.22 24.82
N LYS A 58 0.84 -11.20 25.30
CA LYS A 58 0.43 -11.23 26.70
C LYS A 58 1.66 -11.43 27.60
N GLU A 59 2.52 -12.39 27.29
N GLU A 59 2.48 -12.45 27.25
CA GLU A 59 3.68 -12.59 28.16
CA GLU A 59 3.75 -12.82 27.90
C GLU A 59 4.61 -11.39 28.05
C GLU A 59 4.64 -11.57 27.96
N PHE A 60 4.68 -10.78 26.86
CA PHE A 60 5.52 -9.59 26.72
C PHE A 60 5.08 -8.46 27.67
N GLY A 61 3.82 -8.50 28.12
CA GLY A 61 3.35 -7.59 29.16
C GLY A 61 2.21 -6.65 28.75
N LEU A 62 1.59 -6.81 27.57
CA LEU A 62 0.49 -5.90 27.23
C LEU A 62 -0.69 -6.13 28.18
N ASP A 63 -1.52 -5.10 28.38
CA ASP A 63 -2.61 -5.16 29.34
C ASP A 63 -3.71 -6.10 28.87
N SER A 64 -4.01 -6.13 27.58
CA SER A 64 -4.98 -7.09 27.08
C SER A 64 -4.61 -7.37 25.64
N VAL A 65 -4.89 -8.60 25.20
CA VAL A 65 -4.60 -9.02 23.84
C VAL A 65 -5.74 -9.93 23.41
N GLU A 66 -6.50 -9.49 22.40
N GLU A 66 -6.51 -9.50 22.40
CA GLU A 66 -7.68 -10.19 21.94
CA GLU A 66 -7.71 -10.23 21.99
C GLU A 66 -7.54 -10.57 20.46
C GLU A 66 -7.69 -10.47 20.47
N LEU A 67 -8.31 -11.57 20.02
CA LEU A 67 -8.47 -11.76 18.59
C LEU A 67 -9.80 -11.09 18.18
N ALA A 68 -9.83 -10.43 17.03
CA ALA A 68 -11.07 -9.89 16.50
C ALA A 68 -11.25 -10.63 15.17
N HIS A 69 -12.33 -11.39 15.04
CA HIS A 69 -12.51 -12.21 13.84
C HIS A 69 -13.68 -11.67 13.03
N TYR A 70 -13.64 -11.91 11.71
CA TYR A 70 -14.64 -11.49 10.74
C TYR A 70 -14.74 -12.62 9.72
N ASP A 71 -15.87 -12.65 9.02
CA ASP A 71 -16.07 -13.64 7.97
C ASP A 71 -16.19 -12.88 6.67
N VAL A 72 -15.14 -13.00 5.83
CA VAL A 72 -15.01 -12.14 4.65
C VAL A 72 -14.84 -12.97 3.38
N LEU A 73 -15.06 -12.33 2.23
CA LEU A 73 -14.90 -13.05 0.97
C LEU A 73 -13.40 -13.20 0.68
N LEU A 74 -12.93 -14.47 0.55
CA LEU A 74 -11.55 -14.73 0.11
C LEU A 74 -11.67 -15.52 -1.20
N SER A 75 -10.52 -15.93 -1.75
CA SER A 75 -10.48 -16.61 -3.06
C SER A 75 -9.34 -17.60 -3.05
N TYR A 76 -9.59 -18.83 -3.58
CA TYR A 76 -8.54 -19.82 -3.60
C TYR A 76 -8.62 -20.66 -4.86
N PRO A 77 -7.48 -21.16 -5.35
CA PRO A 77 -7.55 -22.11 -6.45
C PRO A 77 -8.27 -23.37 -6.01
N ASN A 78 -8.76 -24.11 -7.03
CA ASN A 78 -9.33 -25.43 -6.80
C ASN A 78 -8.20 -26.46 -6.83
N LYS A 79 -7.95 -27.10 -5.67
CA LYS A 79 -6.86 -28.04 -5.49
C LYS A 79 -6.95 -29.22 -6.47
N THR A 80 -8.16 -29.60 -6.91
CA THR A 80 -8.27 -30.76 -7.78
C THR A 80 -8.54 -30.38 -9.23
N HIS A 81 -8.51 -29.08 -9.54
CA HIS A 81 -8.79 -28.61 -10.89
C HIS A 81 -7.92 -27.38 -11.16
N PRO A 82 -6.61 -27.59 -11.44
CA PRO A 82 -5.64 -26.50 -11.54
C PRO A 82 -5.86 -25.48 -12.65
N ASN A 83 -5.45 -24.23 -12.34
CA ASN A 83 -5.50 -23.11 -13.26
C ASN A 83 -4.28 -23.23 -14.18
N TYR A 84 -4.48 -22.99 -15.49
CA TYR A 84 -3.32 -22.91 -16.37
C TYR A 84 -3.77 -22.27 -17.67
N ILE A 85 -2.78 -21.94 -18.52
CA ILE A 85 -3.02 -21.33 -19.82
C ILE A 85 -2.38 -22.24 -20.87
N SER A 86 -3.02 -22.29 -22.04
CA SER A 86 -2.54 -23.09 -23.17
C SER A 86 -2.41 -22.25 -24.43
N ILE A 87 -1.52 -22.72 -25.33
CA ILE A 87 -1.66 -22.42 -26.75
C ILE A 87 -2.33 -23.63 -27.36
N ILE A 88 -3.43 -23.38 -28.08
CA ILE A 88 -4.28 -24.46 -28.56
C ILE A 88 -4.24 -24.41 -30.09
N ASN A 89 -4.05 -25.57 -30.75
CA ASN A 89 -3.99 -25.54 -32.21
C ASN A 89 -5.39 -25.64 -32.82
N GLU A 90 -5.46 -25.43 -34.14
CA GLU A 90 -6.63 -25.58 -35.02
C GLU A 90 -7.60 -26.65 -34.52
N ASP A 91 -7.06 -27.80 -34.09
CA ASP A 91 -7.84 -28.97 -33.70
C ASP A 91 -8.31 -28.84 -32.25
N GLY A 92 -7.73 -27.89 -31.53
CA GLY A 92 -7.98 -27.80 -30.11
C GLY A 92 -7.15 -28.79 -29.31
N ASN A 93 -5.95 -29.15 -29.81
CA ASN A 93 -4.96 -29.80 -28.97
C ASN A 93 -4.16 -28.70 -28.26
N GLU A 94 -3.94 -28.88 -26.96
CA GLU A 94 -3.12 -27.94 -26.21
C GLU A 94 -1.65 -28.30 -26.38
N ILE A 95 -0.93 -27.50 -27.19
CA ILE A 95 0.43 -27.82 -27.57
CA ILE A 95 0.43 -27.80 -27.59
C ILE A 95 1.45 -27.22 -26.60
N PHE A 96 0.99 -26.31 -25.73
CA PHE A 96 1.85 -25.72 -24.73
C PHE A 96 0.99 -25.38 -23.52
N ASN A 97 1.48 -25.70 -22.32
CA ASN A 97 0.76 -25.41 -21.09
C ASN A 97 1.70 -24.70 -20.14
N THR A 98 1.21 -23.64 -19.45
CA THR A 98 2.01 -22.95 -18.45
C THR A 98 2.14 -23.83 -17.21
N SER A 99 3.06 -23.49 -16.30
CA SER A 99 3.33 -24.34 -15.14
C SER A 99 2.15 -24.40 -14.17
N LEU A 100 2.05 -25.50 -13.41
CA LEU A 100 1.01 -25.64 -12.40
C LEU A 100 1.52 -25.16 -11.03
N PHE A 101 2.82 -24.86 -10.91
CA PHE A 101 3.39 -24.46 -9.63
C PHE A 101 4.77 -23.90 -9.86
N GLU A 102 5.31 -23.09 -8.93
CA GLU A 102 6.69 -22.64 -9.04
C GLU A 102 7.60 -23.75 -8.50
N PRO A 103 8.78 -24.02 -9.12
CA PRO A 103 9.68 -25.03 -8.55
C PRO A 103 10.02 -24.64 -7.12
N PRO A 104 9.74 -25.47 -6.09
CA PRO A 104 9.99 -25.02 -4.72
C PRO A 104 11.48 -24.80 -4.46
N PRO A 105 11.84 -23.87 -3.56
CA PRO A 105 13.25 -23.60 -3.30
C PRO A 105 13.93 -24.72 -2.49
N PRO A 106 15.29 -24.74 -2.46
CA PRO A 106 16.02 -25.81 -1.77
C PRO A 106 15.59 -26.05 -0.32
N GLY A 107 15.20 -27.28 0.01
CA GLY A 107 14.92 -27.60 1.38
C GLY A 107 13.43 -27.46 1.72
N TYR A 108 12.64 -26.93 0.78
CA TYR A 108 11.20 -26.74 0.95
C TYR A 108 10.44 -27.50 -0.13
N GLU A 109 11.15 -28.35 -0.89
CA GLU A 109 10.48 -29.12 -1.94
C GLU A 109 9.46 -30.09 -1.33
N ASN A 110 9.34 -30.15 0.01
CA ASN A 110 8.40 -31.06 0.66
C ASN A 110 7.34 -30.33 1.51
N VAL A 111 7.50 -29.01 1.64
N VAL A 111 7.17 -29.02 1.32
CA VAL A 111 6.64 -28.25 2.51
CA VAL A 111 5.96 -28.34 1.79
C VAL A 111 5.24 -28.25 1.89
C VAL A 111 4.78 -28.71 0.86
N SER A 112 4.25 -28.58 2.73
N SER A 112 3.54 -28.76 1.39
CA SER A 112 2.89 -28.69 2.23
CA SER A 112 2.39 -29.26 0.61
C SER A 112 2.19 -27.32 2.17
C SER A 112 1.25 -28.25 0.43
N ASP A 113 1.12 -27.31 1.38
CA ASP A 113 0.14 -26.24 1.35
C ASP A 113 0.76 -24.96 0.81
N ILE A 114 1.66 -25.06 -0.18
CA ILE A 114 2.05 -23.85 -0.89
C ILE A 114 0.98 -23.54 -1.93
N VAL A 115 0.27 -22.41 -1.77
CA VAL A 115 -0.76 -22.11 -2.75
C VAL A 115 -0.11 -21.89 -4.13
N PRO A 116 -0.56 -22.53 -5.25
CA PRO A 116 0.04 -22.24 -6.56
C PRO A 116 -0.23 -20.81 -6.99
N PRO A 117 0.56 -20.22 -7.92
CA PRO A 117 0.30 -18.87 -8.39
C PRO A 117 -1.12 -18.79 -8.95
N PHE A 118 -1.82 -17.72 -8.57
CA PHE A 118 -3.14 -17.43 -9.12
C PHE A 118 -3.44 -15.96 -8.85
N SER A 119 -4.45 -15.42 -9.56
CA SER A 119 -4.87 -14.04 -9.29
C SER A 119 -6.10 -14.09 -8.39
N ALA A 120 -6.00 -13.63 -7.12
CA ALA A 120 -7.13 -13.80 -6.21
C ALA A 120 -8.32 -12.95 -6.68
N PHE A 121 -9.51 -13.58 -6.67
CA PHE A 121 -10.83 -13.05 -7.03
C PHE A 121 -11.12 -13.11 -8.53
N SER A 122 -10.22 -13.72 -9.30
CA SER A 122 -10.56 -13.96 -10.71
C SER A 122 -11.89 -14.74 -10.76
N PRO A 123 -12.81 -14.42 -11.69
CA PRO A 123 -13.93 -15.33 -11.93
C PRO A 123 -13.42 -16.57 -12.68
N GLN A 124 -14.28 -17.60 -12.73
CA GLN A 124 -13.97 -18.84 -13.44
C GLN A 124 -14.23 -18.64 -14.92
N GLY A 125 -13.48 -19.33 -15.78
CA GLY A 125 -13.88 -19.33 -17.17
C GLY A 125 -12.83 -20.07 -17.99
N MET A 126 -13.13 -20.32 -19.28
CA MET A 126 -12.13 -20.94 -20.13
C MET A 126 -12.08 -20.20 -21.46
N PRO A 127 -11.89 -18.85 -21.47
CA PRO A 127 -11.89 -18.09 -22.71
C PRO A 127 -10.71 -18.48 -23.60
N GLU A 128 -10.97 -18.49 -24.93
CA GLU A 128 -10.03 -18.85 -25.98
C GLU A 128 -10.00 -17.68 -26.95
N GLY A 129 -8.83 -17.20 -27.37
CA GLY A 129 -8.86 -16.11 -28.33
C GLY A 129 -7.47 -15.70 -28.79
N ASP A 130 -7.40 -14.53 -29.43
CA ASP A 130 -6.13 -14.01 -29.91
C ASP A 130 -5.55 -13.03 -28.87
N LEU A 131 -4.22 -13.05 -28.74
CA LEU A 131 -3.51 -12.24 -27.76
C LEU A 131 -3.35 -10.82 -28.31
N VAL A 132 -3.49 -9.82 -27.42
CA VAL A 132 -2.92 -8.51 -27.67
C VAL A 132 -1.98 -8.19 -26.49
N TYR A 133 -0.80 -7.67 -26.81
CA TYR A 133 0.17 -7.27 -25.81
C TYR A 133 0.02 -5.78 -25.51
N VAL A 134 -0.18 -5.45 -24.21
CA VAL A 134 -0.64 -4.11 -23.84
C VAL A 134 0.39 -3.43 -22.93
N ASN A 135 1.66 -3.85 -22.99
CA ASN A 135 2.72 -3.26 -22.20
C ASN A 135 2.34 -3.43 -20.72
N TYR A 136 2.35 -2.32 -19.95
CA TYR A 136 2.02 -2.42 -18.51
C TYR A 136 0.51 -2.33 -18.26
N ALA A 137 -0.31 -2.26 -19.33
CA ALA A 137 -1.75 -2.13 -19.17
C ALA A 137 -2.14 -0.88 -18.36
N ARG A 138 -1.33 0.18 -18.46
CA ARG A 138 -1.69 1.45 -17.84
C ARG A 138 -2.69 2.21 -18.72
N THR A 139 -3.33 3.21 -18.11
CA THR A 139 -4.24 4.10 -18.83
C THR A 139 -3.60 4.58 -20.14
N GLU A 140 -2.35 5.05 -20.07
CA GLU A 140 -1.63 5.62 -21.21
CA GLU A 140 -1.70 5.63 -21.24
C GLU A 140 -1.33 4.53 -22.24
N ASP A 141 -1.19 3.28 -21.78
CA ASP A 141 -0.87 2.20 -22.73
C ASP A 141 -2.12 1.89 -23.56
N PHE A 142 -3.27 1.88 -22.89
CA PHE A 142 -4.55 1.67 -23.59
C PHE A 142 -4.87 2.84 -24.51
N PHE A 143 -4.51 4.07 -24.09
CA PHE A 143 -4.73 5.24 -24.95
C PHE A 143 -3.95 5.06 -26.25
N LYS A 144 -2.68 4.62 -26.14
CA LYS A 144 -1.76 4.46 -27.25
C LYS A 144 -2.29 3.40 -28.23
N LEU A 145 -2.76 2.25 -27.71
CA LEU A 145 -3.32 1.18 -28.50
C LEU A 145 -4.56 1.65 -29.24
N GLU A 146 -5.56 2.19 -28.50
CA GLU A 146 -6.85 2.47 -29.10
CA GLU A 146 -6.86 2.49 -29.07
C GLU A 146 -6.80 3.74 -29.94
N ARG A 147 -6.19 4.80 -29.40
CA ARG A 147 -6.24 6.12 -30.02
C ARG A 147 -5.21 6.25 -31.14
N ASP A 148 -3.95 5.84 -30.88
CA ASP A 148 -2.87 6.08 -31.81
C ASP A 148 -2.67 4.91 -32.76
N MET A 149 -2.79 3.68 -32.27
CA MET A 149 -2.44 2.55 -33.11
C MET A 149 -3.70 1.91 -33.70
N LYS A 150 -4.86 2.29 -33.19
CA LYS A 150 -6.17 1.83 -33.66
C LYS A 150 -6.30 0.32 -33.50
N ILE A 151 -5.76 -0.23 -32.42
CA ILE A 151 -5.92 -1.65 -32.14
C ILE A 151 -7.08 -1.83 -31.17
N ASN A 152 -7.93 -2.80 -31.45
CA ASN A 152 -9.16 -2.98 -30.71
C ASN A 152 -8.99 -4.23 -29.82
N CYS A 153 -9.12 -4.05 -28.50
CA CYS A 153 -8.92 -5.17 -27.59
C CYS A 153 -10.21 -5.96 -27.36
N SER A 154 -11.32 -5.47 -27.91
CA SER A 154 -12.60 -6.12 -27.68
C SER A 154 -12.53 -7.61 -28.05
N GLY A 155 -12.94 -8.48 -27.12
CA GLY A 155 -12.93 -9.91 -27.35
C GLY A 155 -11.53 -10.55 -27.47
N LYS A 156 -10.45 -9.80 -27.18
CA LYS A 156 -9.10 -10.35 -27.22
C LYS A 156 -8.70 -10.78 -25.79
N ILE A 157 -7.73 -11.69 -25.68
CA ILE A 157 -7.07 -11.93 -24.41
C ILE A 157 -5.88 -11.01 -24.35
N VAL A 158 -5.79 -10.20 -23.28
CA VAL A 158 -4.66 -9.29 -23.25
CA VAL A 158 -4.72 -9.23 -23.15
C VAL A 158 -3.57 -9.89 -22.36
N ILE A 159 -2.32 -9.65 -22.79
CA ILE A 159 -1.17 -10.05 -22.00
C ILE A 159 -0.40 -8.80 -21.60
N ALA A 160 -0.19 -8.64 -20.28
CA ALA A 160 0.43 -7.42 -19.79
C ALA A 160 1.59 -7.81 -18.87
N ARG A 161 2.66 -7.01 -18.92
CA ARG A 161 3.73 -7.14 -17.94
C ARG A 161 3.36 -6.45 -16.62
N TYR A 162 3.72 -7.11 -15.51
CA TYR A 162 3.59 -6.55 -14.18
C TYR A 162 4.55 -5.38 -14.08
N GLY A 163 4.25 -4.42 -13.18
CA GLY A 163 5.16 -3.31 -12.92
C GLY A 163 4.43 -1.98 -13.06
N LYS A 164 5.01 -0.92 -12.48
CA LYS A 164 4.57 0.47 -12.66
C LYS A 164 3.32 0.82 -11.86
N VAL A 165 2.30 -0.04 -11.93
CA VAL A 165 1.02 0.27 -11.29
C VAL A 165 0.43 -1.01 -10.66
N PHE A 166 -0.51 -0.79 -9.72
CA PHE A 166 -1.19 -1.89 -9.07
C PHE A 166 -1.92 -2.77 -10.09
N ARG A 167 -1.88 -4.10 -9.86
CA ARG A 167 -2.35 -5.01 -10.90
C ARG A 167 -3.86 -4.91 -11.06
N GLY A 168 -4.60 -4.52 -9.99
CA GLY A 168 -6.03 -4.32 -10.07
C GLY A 168 -6.39 -3.23 -11.10
N ASN A 169 -5.56 -2.18 -11.17
CA ASN A 169 -5.81 -1.15 -12.16
C ASN A 169 -5.61 -1.69 -13.58
N LYS A 170 -4.58 -2.53 -13.78
CA LYS A 170 -4.40 -3.19 -15.08
C LYS A 170 -5.65 -3.95 -15.52
N VAL A 171 -6.23 -4.72 -14.60
CA VAL A 171 -7.36 -5.58 -14.92
C VAL A 171 -8.59 -4.69 -15.21
N LYS A 172 -8.77 -3.64 -14.39
CA LYS A 172 -9.89 -2.74 -14.65
C LYS A 172 -9.73 -2.12 -16.04
N ASN A 173 -8.50 -1.71 -16.37
CA ASN A 173 -8.28 -1.06 -17.65
C ASN A 173 -8.52 -2.05 -18.81
N ALA A 174 -8.09 -3.31 -18.65
CA ALA A 174 -8.26 -4.29 -19.73
C ALA A 174 -9.76 -4.56 -19.87
N GLN A 175 -10.46 -4.66 -18.73
CA GLN A 175 -11.89 -4.91 -18.76
C GLN A 175 -12.60 -3.81 -19.57
N LEU A 176 -12.26 -2.54 -19.31
CA LEU A 176 -12.98 -1.45 -19.94
C LEU A 176 -12.59 -1.33 -21.41
N ALA A 177 -11.44 -1.90 -21.80
CA ALA A 177 -11.08 -2.00 -23.20
C ALA A 177 -11.79 -3.17 -23.88
N GLY A 178 -12.60 -3.92 -23.13
CA GLY A 178 -13.38 -5.03 -23.69
C GLY A 178 -12.63 -6.36 -23.78
N ALA A 179 -11.46 -6.51 -23.13
CA ALA A 179 -10.75 -7.80 -23.08
C ALA A 179 -11.66 -8.89 -22.54
N LYS A 180 -11.40 -10.13 -22.98
CA LYS A 180 -12.16 -11.21 -22.39
C LYS A 180 -11.31 -12.02 -21.42
N GLY A 181 -10.05 -11.63 -21.26
CA GLY A 181 -9.23 -12.27 -20.25
C GLY A 181 -7.89 -11.54 -20.15
N VAL A 182 -7.17 -11.75 -19.04
CA VAL A 182 -5.92 -11.03 -18.83
C VAL A 182 -4.86 -12.04 -18.37
N ILE A 183 -3.68 -11.96 -19.01
CA ILE A 183 -2.51 -12.70 -18.57
C ILE A 183 -1.48 -11.71 -18.06
N LEU A 184 -1.08 -11.86 -16.79
CA LEU A 184 -0.05 -11.03 -16.16
C LEU A 184 1.26 -11.81 -16.11
N TYR A 185 2.39 -11.16 -16.45
CA TYR A 185 3.65 -11.89 -16.37
C TYR A 185 4.73 -10.97 -15.84
N SER A 186 5.81 -11.55 -15.29
CA SER A 186 6.94 -10.80 -14.79
C SER A 186 8.03 -10.74 -15.86
N ASP A 187 8.25 -9.56 -16.43
CA ASP A 187 9.34 -9.40 -17.41
C ASP A 187 10.67 -9.22 -16.68
N PRO A 188 11.79 -9.85 -17.14
CA PRO A 188 13.09 -9.60 -16.55
C PRO A 188 13.49 -8.12 -16.56
N ALA A 189 12.96 -7.35 -17.52
CA ALA A 189 13.33 -5.94 -17.53
C ALA A 189 12.97 -5.30 -16.17
N ASP A 190 11.88 -5.79 -15.59
CA ASP A 190 11.27 -5.20 -14.40
C ASP A 190 11.62 -6.02 -13.15
N TYR A 191 11.92 -7.32 -13.30
CA TYR A 191 12.11 -8.17 -12.12
C TYR A 191 13.44 -8.93 -12.12
N PHE A 192 14.42 -8.50 -12.94
CA PHE A 192 15.72 -9.16 -12.90
C PHE A 192 16.79 -8.08 -13.03
N ALA A 193 17.44 -7.76 -11.92
CA ALA A 193 18.45 -6.70 -11.93
C ALA A 193 19.69 -7.23 -12.64
N PRO A 194 20.26 -6.47 -13.61
CA PRO A 194 21.52 -6.88 -14.27
C PRO A 194 22.62 -7.23 -13.27
N GLY A 195 23.29 -8.36 -13.55
CA GLY A 195 24.49 -8.74 -12.83
C GLY A 195 24.24 -9.44 -11.49
N VAL A 196 22.97 -9.75 -11.14
CA VAL A 196 22.75 -10.50 -9.91
C VAL A 196 22.11 -11.84 -10.24
N LYS A 197 22.36 -12.86 -9.42
CA LYS A 197 21.94 -14.23 -9.70
C LYS A 197 20.47 -14.43 -9.28
N SER A 198 19.75 -15.31 -9.98
CA SER A 198 18.44 -15.86 -9.62
C SER A 198 18.50 -16.54 -8.25
N TYR A 199 17.36 -16.54 -7.52
CA TYR A 199 17.23 -17.34 -6.30
C TYR A 199 17.49 -18.80 -6.66
N PRO A 200 18.18 -19.66 -5.87
CA PRO A 200 18.71 -19.35 -4.52
C PRO A 200 20.11 -18.75 -4.41
N ASP A 201 20.70 -18.36 -5.55
CA ASP A 201 22.10 -17.92 -5.58
C ASP A 201 22.17 -16.39 -5.50
N GLY A 202 20.99 -15.75 -5.58
CA GLY A 202 20.93 -14.30 -5.50
C GLY A 202 19.48 -13.88 -5.30
N TRP A 203 19.18 -12.60 -5.54
CA TRP A 203 17.86 -12.10 -5.12
C TRP A 203 16.93 -11.86 -6.32
N ASN A 204 17.37 -12.31 -7.50
CA ASN A 204 16.60 -12.14 -8.73
C ASN A 204 15.52 -13.21 -8.87
N LEU A 205 14.51 -12.91 -9.72
CA LEU A 205 13.41 -13.81 -10.02
C LEU A 205 13.87 -14.80 -11.09
N PRO A 206 13.75 -16.11 -10.83
CA PRO A 206 13.96 -17.15 -11.84
C PRO A 206 12.80 -17.18 -12.83
N GLY A 207 13.01 -17.82 -13.99
CA GLY A 207 12.03 -17.79 -15.06
C GLY A 207 10.77 -18.57 -14.72
N GLY A 208 10.86 -19.44 -13.70
CA GLY A 208 9.76 -20.22 -13.18
C GLY A 208 9.05 -19.49 -12.02
N GLY A 209 9.59 -18.34 -11.60
CA GLY A 209 8.99 -17.61 -10.48
C GLY A 209 7.74 -16.85 -10.95
N VAL A 210 6.76 -16.66 -10.05
CA VAL A 210 5.52 -15.99 -10.41
C VAL A 210 5.08 -15.16 -9.21
N GLN A 211 4.54 -13.97 -9.51
CA GLN A 211 4.01 -13.04 -8.49
C GLN A 211 2.51 -13.31 -8.30
N ARG A 212 2.13 -13.77 -7.10
CA ARG A 212 0.72 -13.80 -6.72
C ARG A 212 0.17 -12.39 -6.45
N GLY A 213 -1.17 -12.28 -6.33
CA GLY A 213 -1.73 -11.03 -5.81
C GLY A 213 -3.19 -10.85 -6.23
N ASN A 214 -3.96 -10.14 -5.39
CA ASN A 214 -5.36 -9.90 -5.73
C ASN A 214 -5.47 -8.87 -6.86
N ILE A 215 -6.62 -8.90 -7.59
CA ILE A 215 -6.90 -8.04 -8.71
C ILE A 215 -8.23 -7.29 -8.50
N LEU A 216 -8.55 -7.01 -7.23
CA LEU A 216 -9.78 -6.25 -6.92
C LEU A 216 -9.59 -4.77 -7.20
N ASN A 217 -10.74 -4.08 -7.31
CA ASN A 217 -10.78 -2.61 -7.32
C ASN A 217 -11.78 -2.20 -6.24
N LEU A 218 -11.33 -2.26 -4.98
CA LEU A 218 -12.23 -2.04 -3.85
C LEU A 218 -12.44 -0.56 -3.58
N ASN A 219 -11.46 0.29 -3.91
CA ASN A 219 -11.54 1.74 -3.62
C ASN A 219 -11.83 2.02 -2.15
N GLY A 220 -11.23 1.19 -1.29
CA GLY A 220 -11.36 1.40 0.14
C GLY A 220 -12.48 0.61 0.81
N ALA A 221 -13.24 -0.21 0.08
CA ALA A 221 -14.47 -0.78 0.69
C ALA A 221 -14.23 -1.84 1.78
N GLY A 222 -13.09 -2.53 1.75
CA GLY A 222 -12.91 -3.68 2.63
C GLY A 222 -13.58 -4.94 2.05
N ASP A 223 -14.12 -5.82 2.92
CA ASP A 223 -14.75 -7.04 2.42
C ASP A 223 -15.76 -6.70 1.33
N PRO A 224 -15.66 -7.33 0.14
CA PRO A 224 -16.55 -7.00 -0.96
C PRO A 224 -18.05 -7.13 -0.65
N LEU A 225 -18.37 -7.93 0.36
CA LEU A 225 -19.79 -8.22 0.63
C LEU A 225 -20.44 -7.30 1.68
N THR A 226 -19.66 -6.52 2.46
CA THR A 226 -20.22 -5.77 3.59
C THR A 226 -19.67 -4.34 3.62
N PRO A 227 -19.69 -3.58 2.51
CA PRO A 227 -19.13 -2.22 2.52
C PRO A 227 -19.85 -1.31 3.54
N GLY A 228 -19.06 -0.67 4.40
CA GLY A 228 -19.64 0.22 5.42
C GLY A 228 -19.66 -0.36 6.82
N TYR A 229 -19.72 -1.70 6.93
CA TYR A 229 -20.14 -2.32 8.18
C TYR A 229 -19.26 -3.55 8.43
N PRO A 230 -18.87 -3.87 9.69
CA PRO A 230 -18.02 -5.02 9.91
C PRO A 230 -18.70 -6.35 9.56
N ALA A 231 -17.89 -7.27 9.03
CA ALA A 231 -18.39 -8.58 8.59
C ALA A 231 -18.48 -9.52 9.80
N ASN A 232 -19.34 -9.13 10.74
CA ASN A 232 -19.51 -9.85 12.00
C ASN A 232 -20.47 -11.03 11.81
N GLU A 233 -20.94 -11.58 12.94
CA GLU A 233 -21.67 -12.84 12.88
CA GLU A 233 -21.69 -12.83 12.93
C GLU A 233 -23.07 -12.63 12.29
N TYR A 234 -23.64 -11.42 12.45
CA TYR A 234 -25.02 -11.27 11.99
C TYR A 234 -25.09 -10.38 10.75
N ALA A 235 -23.94 -10.13 10.11
CA ALA A 235 -23.88 -9.13 9.05
C ALA A 235 -24.75 -9.57 7.88
N TYR A 236 -25.40 -8.60 7.21
CA TYR A 236 -26.14 -8.92 6.00
C TYR A 236 -25.14 -8.76 4.84
N ARG A 237 -25.04 -9.78 4.00
CA ARG A 237 -24.08 -9.66 2.92
C ARG A 237 -24.78 -9.42 1.60
N ARG A 238 -24.13 -8.61 0.77
CA ARG A 238 -24.53 -8.52 -0.61
C ARG A 238 -24.41 -9.88 -1.31
N GLY A 239 -25.25 -10.05 -2.35
CA GLY A 239 -25.01 -11.16 -3.25
C GLY A 239 -23.78 -10.89 -4.11
N ILE A 240 -23.18 -11.95 -4.63
CA ILE A 240 -21.94 -11.85 -5.38
C ILE A 240 -22.09 -10.85 -6.51
N ALA A 241 -23.28 -10.84 -7.15
CA ALA A 241 -23.48 -9.98 -8.31
C ALA A 241 -23.39 -8.52 -7.90
N GLU A 242 -23.67 -8.18 -6.62
CA GLU A 242 -23.59 -6.80 -6.16
C GLU A 242 -22.30 -6.54 -5.34
N ALA A 243 -21.39 -7.51 -5.23
CA ALA A 243 -20.15 -7.32 -4.46
C ALA A 243 -19.32 -6.16 -4.99
N VAL A 244 -18.48 -5.57 -4.13
CA VAL A 244 -17.65 -4.47 -4.54
C VAL A 244 -16.36 -5.00 -5.16
N GLY A 245 -16.02 -4.49 -6.35
CA GLY A 245 -14.66 -4.53 -6.85
C GLY A 245 -14.22 -5.82 -7.54
N LEU A 246 -15.13 -6.77 -7.81
CA LEU A 246 -14.68 -8.04 -8.40
C LEU A 246 -14.47 -7.87 -9.90
N PRO A 247 -13.46 -8.52 -10.48
CA PRO A 247 -13.23 -8.43 -11.93
C PRO A 247 -14.25 -9.29 -12.66
N SER A 248 -14.50 -8.91 -13.90
CA SER A 248 -15.52 -9.63 -14.66
C SER A 248 -14.91 -10.58 -15.68
N ILE A 249 -13.57 -10.59 -15.80
CA ILE A 249 -12.90 -11.48 -16.75
C ILE A 249 -11.81 -12.27 -16.05
N PRO A 250 -11.54 -13.52 -16.49
CA PRO A 250 -10.51 -14.34 -15.87
C PRO A 250 -9.12 -13.74 -16.01
N VAL A 251 -8.27 -14.01 -14.99
CA VAL A 251 -6.95 -13.41 -14.93
C VAL A 251 -6.02 -14.44 -14.30
N HIS A 252 -4.77 -14.54 -14.80
CA HIS A 252 -3.84 -15.49 -14.23
C HIS A 252 -2.41 -14.98 -14.43
N PRO A 253 -1.49 -15.15 -13.45
CA PRO A 253 -0.12 -14.65 -13.58
C PRO A 253 0.82 -15.81 -13.93
N ILE A 254 1.87 -15.51 -14.71
CA ILE A 254 2.87 -16.50 -15.13
C ILE A 254 4.27 -15.88 -15.00
N GLY A 255 5.29 -16.76 -15.07
CA GLY A 255 6.69 -16.36 -15.10
C GLY A 255 7.20 -16.11 -16.52
N TYR A 256 8.43 -15.65 -16.62
CA TYR A 256 8.97 -15.23 -17.91
C TYR A 256 9.35 -16.41 -18.82
N TYR A 257 9.61 -17.60 -18.27
CA TYR A 257 9.78 -18.73 -19.19
C TYR A 257 8.49 -19.04 -19.95
N ASP A 258 7.37 -19.04 -19.23
CA ASP A 258 6.06 -19.26 -19.84
C ASP A 258 5.67 -18.07 -20.71
N ALA A 259 6.02 -16.84 -20.27
CA ALA A 259 5.63 -15.69 -21.07
C ALA A 259 6.37 -15.72 -22.41
N GLN A 260 7.63 -16.10 -22.38
CA GLN A 260 8.37 -16.14 -23.63
C GLN A 260 7.67 -17.05 -24.66
N LYS A 261 7.14 -18.19 -24.23
CA LYS A 261 6.38 -19.07 -25.11
C LYS A 261 5.11 -18.43 -25.65
N LEU A 262 4.40 -17.62 -24.85
CA LEU A 262 3.19 -16.94 -25.32
C LEU A 262 3.53 -15.77 -26.24
N LEU A 263 4.66 -15.10 -26.01
CA LEU A 263 4.93 -13.87 -26.73
C LEU A 263 5.68 -14.16 -28.03
N GLU A 264 6.47 -15.24 -28.07
CA GLU A 264 7.43 -15.41 -29.15
C GLU A 264 6.75 -15.47 -30.52
N LYS A 265 5.51 -15.97 -30.56
CA LYS A 265 4.83 -16.11 -31.84
C LYS A 265 3.99 -14.90 -32.23
N MET A 266 3.98 -13.82 -31.43
CA MET A 266 3.05 -12.72 -31.71
C MET A 266 3.36 -11.97 -33.02
N GLY A 267 2.29 -11.61 -33.72
CA GLY A 267 2.36 -10.91 -34.99
C GLY A 267 1.68 -9.54 -34.92
N GLY A 268 0.98 -9.19 -36.00
CA GLY A 268 0.36 -7.87 -36.13
C GLY A 268 1.39 -6.76 -36.04
N SER A 269 1.03 -5.67 -35.34
CA SER A 269 1.78 -4.43 -35.37
C SER A 269 3.06 -4.56 -34.54
N ALA A 270 4.12 -3.85 -34.95
CA ALA A 270 5.34 -3.74 -34.16
C ALA A 270 5.02 -3.01 -32.85
N PRO A 271 5.86 -3.11 -31.78
CA PRO A 271 5.70 -2.27 -30.60
C PRO A 271 5.87 -0.83 -31.04
N PRO A 272 5.14 0.17 -30.50
CA PRO A 272 5.20 1.53 -31.05
C PRO A 272 6.52 2.24 -30.79
N ASP A 273 7.27 1.78 -29.80
CA ASP A 273 8.54 2.38 -29.42
C ASP A 273 9.23 1.47 -28.40
N SER A 274 10.45 1.85 -28.00
CA SER A 274 11.26 1.02 -27.11
C SER A 274 10.69 0.91 -25.68
N SER A 275 9.80 1.81 -25.25
CA SER A 275 9.27 1.76 -23.89
C SER A 275 8.29 0.60 -23.72
N TRP A 276 7.97 -0.08 -24.84
CA TRP A 276 7.06 -1.21 -24.88
C TRP A 276 7.84 -2.53 -24.91
N ARG A 277 9.18 -2.47 -25.08
CA ARG A 277 9.97 -3.68 -25.19
C ARG A 277 10.61 -4.02 -23.85
N GLY A 278 10.35 -5.23 -23.36
CA GLY A 278 11.07 -5.77 -22.21
C GLY A 278 12.40 -6.38 -22.62
N SER A 279 12.90 -7.34 -21.82
CA SER A 279 14.25 -7.88 -21.96
C SER A 279 14.28 -9.27 -22.58
N LEU A 280 13.13 -9.92 -22.82
CA LEU A 280 13.14 -11.25 -23.37
C LEU A 280 13.50 -11.15 -24.86
N LYS A 281 13.87 -12.30 -25.44
CA LYS A 281 14.31 -12.32 -26.82
C LYS A 281 13.10 -12.55 -27.72
N VAL A 282 12.24 -11.55 -27.80
CA VAL A 282 11.01 -11.61 -28.57
C VAL A 282 10.80 -10.21 -29.15
N PRO A 283 10.02 -10.05 -30.24
CA PRO A 283 9.83 -8.72 -30.84
C PRO A 283 8.95 -7.77 -30.01
N TYR A 284 8.09 -8.33 -29.16
CA TYR A 284 7.11 -7.54 -28.40
C TYR A 284 6.08 -6.95 -29.35
N ASN A 285 5.71 -7.71 -30.39
CA ASN A 285 4.63 -7.31 -31.27
C ASN A 285 3.35 -7.17 -30.45
N VAL A 286 2.56 -6.16 -30.79
CA VAL A 286 1.33 -5.89 -30.08
C VAL A 286 0.23 -6.86 -30.53
N GLY A 287 0.36 -7.47 -31.73
CA GLY A 287 -0.73 -8.34 -32.14
C GLY A 287 -1.78 -7.55 -32.92
N PRO A 288 -3.06 -7.98 -32.96
CA PRO A 288 -3.52 -9.20 -32.29
C PRO A 288 -3.07 -10.46 -33.01
N GLY A 289 -3.05 -11.58 -32.27
CA GLY A 289 -2.77 -12.87 -32.86
C GLY A 289 -1.28 -13.10 -33.15
N PHE A 290 -1.02 -14.27 -33.74
CA PHE A 290 0.31 -14.80 -33.97
C PHE A 290 0.69 -14.58 -35.45
N THR A 291 1.98 -14.62 -35.78
CA THR A 291 2.43 -14.47 -37.17
C THR A 291 1.93 -15.61 -38.05
N GLY A 292 1.92 -15.35 -39.37
CA GLY A 292 1.35 -16.16 -40.43
C GLY A 292 1.29 -17.67 -40.17
N ASN A 293 2.42 -18.30 -39.87
CA ASN A 293 2.47 -19.74 -39.74
C ASN A 293 1.54 -20.25 -38.64
N PHE A 294 1.37 -19.44 -37.58
CA PHE A 294 0.70 -19.87 -36.37
C PHE A 294 -0.61 -19.12 -36.18
N SER A 295 -1.04 -18.43 -37.25
CA SER A 295 -2.19 -17.54 -37.22
C SER A 295 -3.47 -18.27 -36.82
N THR A 296 -3.46 -19.61 -36.86
CA THR A 296 -4.67 -20.34 -36.53
C THR A 296 -4.63 -20.89 -35.11
N GLN A 297 -3.46 -20.79 -34.47
CA GLN A 297 -3.36 -21.18 -33.07
C GLN A 297 -4.00 -20.08 -32.22
N LYS A 298 -4.43 -20.46 -31.02
CA LYS A 298 -5.11 -19.51 -30.14
C LYS A 298 -4.60 -19.72 -28.71
N VAL A 299 -4.94 -18.77 -27.82
CA VAL A 299 -4.58 -18.92 -26.42
C VAL A 299 -5.85 -19.22 -25.61
N LYS A 300 -5.73 -20.15 -24.66
CA LYS A 300 -6.87 -20.56 -23.89
C LYS A 300 -6.50 -20.52 -22.41
N MET A 301 -7.35 -19.85 -21.61
CA MET A 301 -7.14 -19.84 -20.17
C MET A 301 -8.03 -20.90 -19.53
N HIS A 302 -7.61 -21.45 -18.39
CA HIS A 302 -8.48 -22.33 -17.64
C HIS A 302 -8.45 -21.88 -16.19
N ILE A 303 -9.51 -21.20 -15.75
CA ILE A 303 -9.49 -20.69 -14.38
C ILE A 303 -10.68 -21.29 -13.62
N HIS A 304 -10.39 -21.87 -12.45
CA HIS A 304 -11.39 -22.60 -11.67
C HIS A 304 -11.42 -22.20 -10.20
N SER A 305 -10.76 -21.07 -9.86
CA SER A 305 -10.68 -20.58 -8.48
C SER A 305 -12.09 -20.30 -8.00
N THR A 306 -12.31 -20.35 -6.67
CA THR A 306 -13.64 -20.06 -6.10
C THR A 306 -13.53 -19.00 -5.00
N ASN A 307 -14.51 -18.10 -4.95
CA ASN A 307 -14.60 -17.10 -3.91
C ASN A 307 -15.38 -17.73 -2.75
N GLU A 308 -14.92 -17.58 -1.51
CA GLU A 308 -15.56 -18.29 -0.41
C GLU A 308 -15.49 -17.41 0.83
N VAL A 309 -16.61 -17.26 1.53
CA VAL A 309 -16.59 -16.52 2.79
C VAL A 309 -15.86 -17.37 3.82
N THR A 310 -14.83 -16.75 4.44
CA THR A 310 -13.86 -17.45 5.25
C THR A 310 -13.54 -16.60 6.48
N ARG A 311 -13.30 -17.25 7.64
CA ARG A 311 -13.02 -16.49 8.87
C ARG A 311 -11.55 -16.03 8.89
N ILE A 312 -11.32 -14.78 9.31
CA ILE A 312 -9.97 -14.21 9.45
C ILE A 312 -9.87 -13.68 10.88
N TYR A 313 -8.62 -13.50 11.37
CA TYR A 313 -8.40 -13.14 12.76
C TYR A 313 -7.36 -12.03 12.84
N ASN A 314 -7.74 -10.89 13.43
CA ASN A 314 -6.76 -9.88 13.78
C ASN A 314 -6.35 -10.08 15.23
N VAL A 315 -5.07 -9.80 15.54
CA VAL A 315 -4.71 -9.76 16.96
C VAL A 315 -4.60 -8.28 17.37
N ILE A 316 -5.27 -7.89 18.48
CA ILE A 316 -5.33 -6.51 18.95
C ILE A 316 -4.78 -6.47 20.37
N GLY A 317 -3.63 -5.83 20.53
CA GLY A 317 -2.98 -5.69 21.82
C GLY A 317 -3.13 -4.27 22.34
N THR A 318 -3.37 -4.11 23.66
CA THR A 318 -3.55 -2.77 24.23
C THR A 318 -2.50 -2.54 25.32
N LEU A 319 -1.85 -1.37 25.27
CA LEU A 319 -1.02 -0.88 26.38
C LEU A 319 -1.68 0.41 26.86
N ARG A 320 -2.42 0.35 27.96
CA ARG A 320 -3.23 1.48 28.43
CA ARG A 320 -3.22 1.48 28.43
C ARG A 320 -2.33 2.67 28.82
N GLY A 321 -2.72 3.87 28.35
CA GLY A 321 -2.07 5.14 28.68
C GLY A 321 -2.26 5.56 30.15
N ALA A 322 -1.20 6.10 30.77
CA ALA A 322 -1.24 6.55 32.16
C ALA A 322 -2.06 7.82 32.33
N VAL A 323 -2.07 8.70 31.32
CA VAL A 323 -2.63 10.04 31.50
C VAL A 323 -3.81 10.24 30.55
N GLU A 324 -3.64 9.86 29.28
CA GLU A 324 -4.72 10.00 28.30
C GLU A 324 -5.04 8.64 27.72
N PRO A 325 -5.68 7.75 28.51
CA PRO A 325 -5.97 6.39 28.03
C PRO A 325 -6.97 6.40 26.86
N ASP A 326 -7.72 7.52 26.71
CA ASP A 326 -8.69 7.66 25.64
C ASP A 326 -8.08 8.32 24.40
N ARG A 327 -6.75 8.23 24.22
CA ARG A 327 -6.10 8.70 23.01
C ARG A 327 -5.28 7.54 22.51
N TYR A 328 -5.47 7.16 21.24
CA TYR A 328 -4.87 5.93 20.74
C TYR A 328 -3.82 6.23 19.69
N VAL A 329 -2.64 5.62 19.91
CA VAL A 329 -1.59 5.59 18.92
C VAL A 329 -1.47 4.14 18.50
N ILE A 330 -1.56 3.87 17.17
CA ILE A 330 -1.74 2.53 16.65
C ILE A 330 -0.54 2.15 15.81
N LEU A 331 0.08 1.01 16.15
CA LEU A 331 1.08 0.40 15.29
C LEU A 331 0.47 -0.86 14.73
N GLY A 332 0.30 -0.91 13.39
CA GLY A 332 -0.46 -2.02 12.81
C GLY A 332 0.30 -2.54 11.59
N GLY A 333 0.33 -3.87 11.42
CA GLY A 333 0.83 -4.43 10.16
C GLY A 333 0.24 -5.83 10.01
N HIS A 334 0.29 -6.39 8.80
CA HIS A 334 -0.41 -7.66 8.62
C HIS A 334 0.52 -8.87 8.89
N ARG A 335 -0.13 -10.03 9.01
CA ARG A 335 0.50 -11.30 9.39
C ARG A 335 0.33 -12.31 8.26
N ASP A 336 -0.79 -12.22 7.49
CA ASP A 336 -1.05 -13.19 6.43
C ASP A 336 -0.05 -13.02 5.30
N SER A 337 0.33 -14.14 4.66
CA SER A 337 1.29 -14.04 3.58
C SER A 337 0.79 -14.84 2.38
N TRP A 338 1.33 -14.60 1.18
CA TRP A 338 0.98 -15.48 0.05
C TRP A 338 1.59 -16.86 0.22
N VAL A 339 2.89 -16.93 0.52
CA VAL A 339 3.49 -18.23 0.84
C VAL A 339 4.26 -18.05 2.17
N PHE A 340 5.60 -18.03 2.14
CA PHE A 340 6.30 -17.98 3.41
C PHE A 340 6.45 -16.55 3.94
N GLY A 341 6.32 -15.52 3.09
CA GLY A 341 6.27 -14.16 3.63
C GLY A 341 7.60 -13.68 4.22
N GLY A 342 8.71 -14.23 3.67
CA GLY A 342 10.04 -13.84 4.13
C GLY A 342 10.25 -12.33 4.19
N ILE A 343 9.89 -11.59 3.12
CA ILE A 343 9.90 -10.15 3.25
C ILE A 343 8.49 -9.67 3.61
N ASP A 344 7.52 -10.11 2.82
CA ASP A 344 6.15 -9.55 2.87
C ASP A 344 5.21 -10.56 3.51
N PRO A 345 4.74 -10.41 4.78
CA PRO A 345 5.01 -9.29 5.67
C PRO A 345 5.91 -9.56 6.86
N GLN A 346 6.54 -10.74 6.94
CA GLN A 346 7.12 -11.13 8.22
C GLN A 346 8.33 -10.28 8.62
N SER A 347 9.03 -9.70 7.64
N SER A 347 9.00 -9.67 7.65
CA SER A 347 10.06 -8.72 7.96
CA SER A 347 10.09 -8.76 7.97
C SER A 347 9.51 -7.61 8.84
C SER A 347 9.59 -7.49 8.67
N GLY A 348 8.30 -7.18 8.48
CA GLY A 348 7.60 -6.14 9.24
C GLY A 348 7.05 -6.70 10.55
N ALA A 349 6.38 -7.87 10.49
CA ALA A 349 5.79 -8.41 11.71
C ALA A 349 6.82 -8.73 12.79
N ALA A 350 8.06 -9.13 12.39
CA ALA A 350 9.09 -9.46 13.37
C ALA A 350 9.53 -8.21 14.12
N VAL A 351 9.56 -7.11 13.38
CA VAL A 351 9.88 -5.80 13.94
C VAL A 351 8.76 -5.35 14.90
N VAL A 352 7.48 -5.51 14.50
CA VAL A 352 6.43 -5.17 15.46
C VAL A 352 6.60 -6.02 16.74
N HIS A 353 6.90 -7.30 16.57
CA HIS A 353 6.99 -8.22 17.71
C HIS A 353 8.07 -7.73 18.69
N GLU A 354 9.21 -7.30 18.15
CA GLU A 354 10.31 -6.81 18.99
C GLU A 354 9.94 -5.46 19.62
N ILE A 355 9.17 -4.63 18.90
CA ILE A 355 8.72 -3.34 19.47
C ILE A 355 7.82 -3.62 20.66
N VAL A 356 6.86 -4.56 20.51
CA VAL A 356 5.98 -4.89 21.63
C VAL A 356 6.84 -5.37 22.81
N ARG A 357 7.80 -6.25 22.51
CA ARG A 357 8.63 -6.82 23.56
C ARG A 357 9.32 -5.70 24.33
N SER A 358 9.90 -4.71 23.62
CA SER A 358 10.61 -3.60 24.27
C SER A 358 9.67 -2.75 25.13
N PHE A 359 8.51 -2.35 24.57
CA PHE A 359 7.55 -1.56 25.34
C PHE A 359 7.14 -2.34 26.57
N GLY A 360 6.94 -3.65 26.43
CA GLY A 360 6.54 -4.53 27.52
C GLY A 360 7.60 -4.60 28.61
N THR A 361 8.88 -4.54 28.21
CA THR A 361 9.96 -4.54 29.18
C THR A 361 9.87 -3.30 30.08
N LEU A 362 9.65 -2.13 29.48
CA LEU A 362 9.51 -0.89 30.24
C LEU A 362 8.29 -0.99 31.15
N LYS A 363 7.19 -1.50 30.58
CA LYS A 363 5.97 -1.64 31.34
C LYS A 363 6.20 -2.51 32.59
N LYS A 364 6.94 -3.61 32.45
CA LYS A 364 7.20 -4.46 33.61
C LYS A 364 7.98 -3.75 34.69
N GLU A 365 8.75 -2.72 34.33
CA GLU A 365 9.49 -1.93 35.31
C GLU A 365 8.67 -0.74 35.82
N GLY A 366 7.39 -0.68 35.45
CA GLY A 366 6.49 0.28 36.06
C GLY A 366 6.15 1.47 35.16
N TRP A 367 6.67 1.48 33.93
CA TRP A 367 6.43 2.58 33.04
C TRP A 367 5.10 2.34 32.32
N ARG A 368 4.43 3.43 31.96
CA ARG A 368 3.36 3.36 30.97
C ARG A 368 3.51 4.56 30.08
N PRO A 369 3.09 4.46 28.79
CA PRO A 369 3.06 5.63 27.92
C PRO A 369 1.98 6.59 28.39
N ARG A 370 2.11 7.86 28.00
CA ARG A 370 1.11 8.85 28.39
C ARG A 370 -0.25 8.47 27.78
N ARG A 371 -0.25 8.23 26.46
CA ARG A 371 -1.46 7.79 25.72
C ARG A 371 -1.44 6.28 25.50
N THR A 372 -2.62 5.71 25.18
CA THR A 372 -2.78 4.29 24.92
C THR A 372 -2.10 3.94 23.60
N ILE A 373 -1.36 2.82 23.60
CA ILE A 373 -0.82 2.28 22.38
C ILE A 373 -1.57 0.99 22.05
N LEU A 374 -2.08 0.94 20.80
CA LEU A 374 -2.71 -0.25 20.24
C LEU A 374 -1.74 -0.85 19.22
N PHE A 375 -1.58 -2.18 19.34
CA PHE A 375 -0.77 -3.00 18.45
C PHE A 375 -1.68 -3.97 17.70
N ALA A 376 -1.47 -4.06 16.38
CA ALA A 376 -2.33 -4.91 15.55
C ALA A 376 -1.49 -5.80 14.63
N SER A 377 -1.88 -7.07 14.61
CA SER A 377 -1.48 -8.08 13.64
C SER A 377 -2.69 -8.35 12.75
N TRP A 378 -2.73 -7.70 11.56
CA TRP A 378 -3.89 -7.75 10.68
C TRP A 378 -3.89 -9.04 9.88
N ASP A 379 -5.12 -9.53 9.56
CA ASP A 379 -5.28 -10.67 8.69
C ASP A 379 -5.80 -10.18 7.33
N ALA A 380 -5.65 -11.05 6.33
CA ALA A 380 -6.18 -10.91 4.97
C ALA A 380 -5.82 -9.56 4.34
N GLU A 381 -4.62 -9.04 4.60
CA GLU A 381 -4.23 -7.82 3.93
C GLU A 381 -4.09 -8.16 2.44
N GLU A 382 -3.59 -9.37 2.16
CA GLU A 382 -3.23 -9.71 0.78
C GLU A 382 -4.49 -9.81 -0.10
N PHE A 383 -5.65 -9.96 0.55
CA PHE A 383 -6.88 -10.13 -0.21
C PHE A 383 -7.68 -8.83 -0.24
N GLY A 384 -7.01 -7.71 0.09
CA GLY A 384 -7.65 -6.39 -0.11
C GLY A 384 -7.78 -5.57 1.19
N LEU A 385 -6.79 -5.68 2.06
CA LEU A 385 -6.78 -4.87 3.29
C LEU A 385 -8.03 -5.19 4.11
N LEU A 386 -8.43 -6.47 4.11
CA LEU A 386 -9.75 -6.80 4.67
C LEU A 386 -9.78 -6.74 6.20
N GLY A 387 -8.76 -7.32 6.86
CA GLY A 387 -8.70 -7.36 8.32
C GLY A 387 -8.67 -5.95 8.92
N SER A 388 -7.78 -5.09 8.42
CA SER A 388 -7.68 -3.77 9.03
C SER A 388 -8.98 -3.02 8.77
N THR A 389 -9.50 -3.14 7.54
CA THR A 389 -10.67 -2.32 7.19
C THR A 389 -11.90 -2.80 7.95
N GLU A 390 -12.10 -4.10 8.10
CA GLU A 390 -13.27 -4.57 8.88
C GLU A 390 -13.18 -4.11 10.33
N TRP A 391 -11.98 -4.20 10.94
CA TRP A 391 -11.86 -3.79 12.34
C TRP A 391 -12.10 -2.27 12.44
N ALA A 392 -11.62 -1.50 11.45
CA ALA A 392 -11.84 -0.05 11.52
C ALA A 392 -13.32 0.26 11.33
N GLU A 393 -14.01 -0.51 10.45
CA GLU A 393 -15.46 -0.30 10.34
C GLU A 393 -16.18 -0.58 11.66
N GLU A 394 -15.76 -1.64 12.33
CA GLU A 394 -16.37 -1.97 13.59
C GLU A 394 -16.17 -0.83 14.60
N ASN A 395 -14.96 -0.28 14.62
CA ASN A 395 -14.51 0.61 15.72
C ASN A 395 -14.45 2.07 15.26
N SER A 396 -15.16 2.42 14.17
CA SER A 396 -14.96 3.72 13.51
C SER A 396 -15.25 4.88 14.45
N ARG A 397 -16.26 4.77 15.32
CA ARG A 397 -16.55 5.87 16.23
C ARG A 397 -15.43 6.08 17.26
N LEU A 398 -14.88 4.98 17.79
CA LEU A 398 -13.77 5.15 18.71
C LEU A 398 -12.58 5.77 17.98
N LEU A 399 -12.31 5.31 16.74
CA LEU A 399 -11.08 5.76 16.09
C LEU A 399 -11.20 7.21 15.67
N GLN A 400 -12.40 7.59 15.23
CA GLN A 400 -12.45 8.96 14.78
C GLN A 400 -12.47 9.96 15.91
N GLU A 401 -12.94 9.60 17.13
CA GLU A 401 -12.88 10.60 18.17
C GLU A 401 -11.64 10.46 19.07
N ARG A 402 -10.93 9.33 18.97
CA ARG A 402 -9.78 9.13 19.85
C ARG A 402 -8.46 8.85 19.11
N GLY A 403 -8.48 8.69 17.77
CA GLY A 403 -7.32 8.16 17.05
C GLY A 403 -6.32 9.29 16.82
N VAL A 404 -5.15 9.21 17.50
CA VAL A 404 -4.12 10.21 17.29
C VAL A 404 -3.35 9.97 15.99
N ALA A 405 -2.88 8.72 15.84
CA ALA A 405 -2.02 8.42 14.71
C ALA A 405 -2.00 6.93 14.43
N TYR A 406 -1.65 6.61 13.19
CA TYR A 406 -1.50 5.21 12.77
C TYR A 406 -0.13 5.08 12.09
N ILE A 407 0.69 4.16 12.59
CA ILE A 407 1.95 3.82 11.93
C ILE A 407 1.83 2.41 11.37
N ASN A 408 2.02 2.27 10.03
CA ASN A 408 1.94 0.95 9.43
C ASN A 408 3.25 0.18 9.64
N ALA A 409 3.20 -1.15 9.48
CA ALA A 409 4.38 -1.98 9.75
C ALA A 409 4.32 -3.28 8.92
N ASP A 410 4.17 -3.12 7.60
CA ASP A 410 4.47 -4.19 6.66
C ASP A 410 6.00 -4.25 6.54
N SER A 411 6.47 -4.95 5.50
CA SER A 411 7.89 -5.24 5.29
C SER A 411 8.82 -4.13 5.80
N SER A 412 9.75 -4.49 6.68
CA SER A 412 10.74 -3.52 7.18
C SER A 412 11.77 -3.13 6.11
N ILE A 413 12.02 -4.03 5.15
CA ILE A 413 13.04 -3.82 4.12
C ILE A 413 12.45 -4.25 2.78
N GLU A 414 12.86 -3.57 1.69
CA GLU A 414 12.67 -4.09 0.34
C GLU A 414 13.97 -3.90 -0.43
N GLY A 415 15.04 -3.63 0.33
CA GLY A 415 16.32 -3.25 -0.27
C GLY A 415 17.27 -2.92 0.88
N ASN A 416 18.48 -2.47 0.54
CA ASN A 416 19.45 -2.19 1.60
C ASN A 416 20.18 -0.88 1.35
N TYR A 417 19.54 0.05 0.64
CA TYR A 417 20.24 1.26 0.22
C TYR A 417 20.00 2.42 1.20
N THR A 418 18.74 2.79 1.42
CA THR A 418 18.47 3.93 2.28
C THR A 418 17.01 3.84 2.76
N LEU A 419 16.61 4.82 3.58
CA LEU A 419 15.26 4.82 4.14
C LEU A 419 14.25 5.32 3.11
N ARG A 420 12.98 4.84 3.22
CA ARG A 420 11.87 5.31 2.39
C ARG A 420 10.74 5.64 3.36
N VAL A 421 10.23 6.89 3.34
CA VAL A 421 9.17 7.26 4.27
C VAL A 421 8.03 7.91 3.47
N ASP A 422 6.78 7.44 3.68
CA ASP A 422 5.59 8.16 3.20
C ASP A 422 4.77 8.51 4.44
N CYS A 423 4.26 9.74 4.53
CA CYS A 423 3.50 10.08 5.74
C CYS A 423 2.75 11.39 5.49
N THR A 424 1.77 11.67 6.37
CA THR A 424 1.15 12.98 6.42
C THR A 424 2.20 14.06 6.65
N PRO A 425 2.04 15.26 6.05
CA PRO A 425 2.93 16.37 6.39
C PRO A 425 2.98 16.63 7.90
N LEU A 426 1.89 16.27 8.65
CA LEU A 426 1.92 16.50 10.08
C LEU A 426 3.06 15.74 10.78
N MET A 427 3.62 14.70 10.15
CA MET A 427 4.71 13.98 10.80
C MET A 427 6.08 14.31 10.20
N TYR A 428 6.18 15.26 9.27
CA TYR A 428 7.49 15.49 8.67
C TYR A 428 8.56 15.87 9.70
N SER A 429 8.21 16.83 10.59
CA SER A 429 9.12 17.36 11.61
C SER A 429 9.50 16.25 12.57
N LEU A 430 8.51 15.48 13.07
CA LEU A 430 8.79 14.30 13.87
C LEU A 430 9.82 13.38 13.20
N VAL A 431 9.65 13.08 11.89
CA VAL A 431 10.57 12.14 11.22
C VAL A 431 11.97 12.74 11.11
N HIS A 432 12.02 14.02 10.69
CA HIS A 432 13.35 14.64 10.59
C HIS A 432 14.06 14.58 11.95
N ASN A 433 13.35 14.99 13.01
CA ASN A 433 13.99 15.06 14.33
C ASN A 433 14.42 13.67 14.81
N LEU A 434 13.54 12.67 14.67
CA LEU A 434 13.92 11.35 15.14
C LEU A 434 15.12 10.81 14.37
N THR A 435 15.11 10.92 13.02
CA THR A 435 16.19 10.32 12.25
C THR A 435 17.53 11.00 12.56
N LYS A 436 17.48 12.26 13.01
CA LYS A 436 18.71 12.97 13.36
C LYS A 436 19.32 12.38 14.63
N GLU A 437 18.53 11.63 15.39
CA GLU A 437 18.92 11.09 16.70
CA GLU A 437 19.00 11.12 16.68
C GLU A 437 19.30 9.62 16.59
N LEU A 438 19.09 9.00 15.42
CA LEU A 438 19.38 7.58 15.22
C LEU A 438 20.69 7.43 14.44
N LYS A 439 21.37 6.31 14.70
CA LYS A 439 22.63 5.99 14.01
C LYS A 439 22.36 5.46 12.61
N SER A 440 23.13 5.95 11.63
CA SER A 440 23.06 5.32 10.31
C SER A 440 23.65 3.92 10.32
N PRO A 441 22.98 2.90 9.73
CA PRO A 441 23.59 1.57 9.63
C PRO A 441 24.40 1.39 8.35
N ASP A 442 24.49 2.45 7.52
CA ASP A 442 24.97 2.29 6.14
C ASP A 442 26.51 2.27 6.19
N GLU A 443 27.09 1.48 5.30
CA GLU A 443 28.54 1.49 5.05
C GLU A 443 28.95 2.87 4.57
N GLY A 444 30.01 3.43 5.18
CA GLY A 444 30.49 4.74 4.79
C GLY A 444 29.88 5.85 5.63
N PHE A 445 28.87 5.53 6.46
CA PHE A 445 28.26 6.55 7.29
C PHE A 445 28.40 6.15 8.75
N GLU A 446 29.44 5.37 9.08
CA GLU A 446 29.53 5.00 10.49
C GLU A 446 29.84 6.22 11.35
N GLY A 447 29.11 6.36 12.46
CA GLY A 447 29.25 7.54 13.31
C GLY A 447 28.37 8.71 12.90
N LYS A 448 27.62 8.55 11.79
CA LYS A 448 26.76 9.59 11.27
C LYS A 448 25.31 9.22 11.55
N SER A 449 24.43 10.23 11.49
CA SER A 449 23.00 10.02 11.73
C SER A 449 22.34 9.36 10.52
N LEU A 450 21.20 8.70 10.77
CA LEU A 450 20.34 8.20 9.72
C LEU A 450 19.85 9.37 8.86
N TYR A 451 19.53 10.52 9.49
CA TYR A 451 19.14 11.69 8.73
C TYR A 451 20.22 12.02 7.69
N GLU A 452 21.49 12.03 8.12
CA GLU A 452 22.56 12.39 7.20
C GLU A 452 22.67 11.40 6.02
N SER A 453 22.60 10.10 6.30
CA SER A 453 22.77 9.15 5.22
C SER A 453 21.56 9.15 4.28
N TRP A 454 20.37 9.24 4.88
CA TRP A 454 19.13 9.26 4.12
C TRP A 454 19.08 10.52 3.25
N THR A 455 19.43 11.68 3.82
CA THR A 455 19.39 12.92 3.06
C THR A 455 20.37 12.86 1.89
N LYS A 456 21.55 12.29 2.16
CA LYS A 456 22.58 12.17 1.12
C LYS A 456 22.12 11.24 -0.01
N LYS A 457 21.56 10.08 0.32
CA LYS A 457 21.20 9.10 -0.70
C LYS A 457 19.85 9.38 -1.36
N SER A 458 18.98 10.14 -0.67
CA SER A 458 17.64 10.39 -1.17
C SER A 458 17.25 11.84 -0.97
N PRO A 459 17.88 12.80 -1.68
CA PRO A 459 17.65 14.22 -1.42
C PRO A 459 16.22 14.60 -1.79
N SER A 460 15.66 15.52 -1.02
CA SER A 460 14.39 16.11 -1.38
C SER A 460 14.52 16.82 -2.73
N PRO A 461 13.57 16.67 -3.68
CA PRO A 461 13.62 17.39 -4.96
C PRO A 461 13.39 18.91 -4.78
N GLU A 462 12.93 19.31 -3.58
CA GLU A 462 12.46 20.65 -3.31
CA GLU A 462 12.50 20.68 -3.38
C GLU A 462 13.50 21.44 -2.51
N PHE A 463 14.10 20.78 -1.50
CA PHE A 463 14.89 21.53 -0.53
C PHE A 463 16.26 20.90 -0.29
N SER A 464 17.30 21.72 -0.43
CA SER A 464 18.66 21.29 -0.14
CA SER A 464 18.65 21.25 -0.15
C SER A 464 18.76 20.94 1.34
N GLY A 465 19.44 19.83 1.66
CA GLY A 465 19.75 19.54 3.05
C GLY A 465 18.63 18.78 3.76
N MET A 466 17.59 18.42 3.01
CA MET A 466 16.47 17.62 3.50
C MET A 466 16.32 16.34 2.69
N PRO A 467 15.77 15.25 3.28
CA PRO A 467 15.45 14.05 2.53
C PRO A 467 14.08 14.06 1.84
N ARG A 468 13.90 13.15 0.89
CA ARG A 468 12.61 12.97 0.24
C ARG A 468 11.65 12.23 1.19
N ILE A 469 10.47 12.80 1.41
CA ILE A 469 9.34 12.06 1.98
C ILE A 469 8.17 12.14 1.00
N SER A 470 7.52 11.01 0.72
CA SER A 470 6.49 10.93 -0.30
C SER A 470 5.10 11.00 0.35
N LYS A 471 4.10 11.32 -0.47
CA LYS A 471 2.68 11.30 -0.12
CA LYS A 471 2.73 11.30 0.03
C LYS A 471 2.32 9.85 0.19
N LEU A 472 1.37 9.61 1.07
CA LEU A 472 0.85 8.27 1.25
C LEU A 472 0.02 7.93 0.03
N GLY A 473 0.22 6.70 -0.47
CA GLY A 473 -0.66 6.16 -1.48
C GLY A 473 -1.62 5.15 -0.87
N SER A 474 -1.61 3.93 -1.43
CA SER A 474 -2.41 2.86 -0.84
C SER A 474 -1.80 1.50 -1.20
N GLY A 475 -2.60 0.42 -1.07
CA GLY A 475 -1.99 -0.89 -1.24
C GLY A 475 -1.44 -1.43 0.08
N ASN A 476 -1.85 -0.79 1.20
CA ASN A 476 -1.44 -1.31 2.49
C ASN A 476 -2.45 -0.87 3.55
N ASP A 477 -2.27 -1.36 4.79
CA ASP A 477 -3.33 -1.37 5.81
C ASP A 477 -3.57 0.01 6.43
N PHE A 478 -2.82 1.05 6.05
CA PHE A 478 -3.13 2.39 6.56
C PHE A 478 -4.33 3.01 5.83
N GLU A 479 -4.80 2.42 4.72
CA GLU A 479 -5.76 3.07 3.83
C GLU A 479 -7.03 3.47 4.60
N VAL A 480 -7.59 2.52 5.38
CA VAL A 480 -8.86 2.88 6.04
C VAL A 480 -8.60 4.01 7.05
N PHE A 481 -7.45 3.95 7.77
CA PHE A 481 -7.22 4.91 8.84
C PHE A 481 -6.97 6.30 8.28
N PHE A 482 -6.28 6.40 7.13
CA PHE A 482 -5.92 7.73 6.60
C PHE A 482 -7.00 8.26 5.62
N GLN A 483 -7.25 7.54 4.53
CA GLN A 483 -8.13 8.11 3.49
C GLN A 483 -9.63 7.98 3.83
N ARG A 484 -10.00 6.99 4.69
CA ARG A 484 -11.41 6.92 5.07
C ARG A 484 -11.68 7.73 6.34
N LEU A 485 -10.85 7.49 7.37
CA LEU A 485 -11.14 8.07 8.69
C LEU A 485 -10.39 9.36 8.99
N GLY A 486 -9.33 9.71 8.25
CA GLY A 486 -8.63 10.98 8.52
C GLY A 486 -7.76 10.97 9.78
N ILE A 487 -7.09 9.83 10.05
CA ILE A 487 -6.18 9.77 11.18
C ILE A 487 -4.76 9.91 10.61
N ALA A 488 -3.94 10.79 11.20
CA ALA A 488 -2.60 11.06 10.69
C ALA A 488 -1.85 9.73 10.59
N SER A 489 -1.19 9.46 9.44
CA SER A 489 -0.63 8.13 9.28
C SER A 489 0.78 8.27 8.74
N GLY A 490 1.59 7.24 8.98
CA GLY A 490 2.95 7.23 8.45
C GLY A 490 3.48 5.81 8.24
N ARG A 491 4.55 5.68 7.45
CA ARG A 491 5.17 4.37 7.29
C ARG A 491 6.64 4.59 6.88
N ALA A 492 7.50 3.60 7.15
CA ALA A 492 8.93 3.75 6.85
C ALA A 492 9.53 2.37 6.62
N ARG A 493 10.38 2.26 5.59
CA ARG A 493 11.11 1.00 5.43
C ARG A 493 12.46 1.28 4.78
N TYR A 494 13.36 0.27 4.77
CA TYR A 494 14.56 0.40 3.98
C TYR A 494 14.23 -0.03 2.55
N THR A 495 14.85 0.64 1.56
CA THR A 495 14.49 0.41 0.17
C THR A 495 15.76 0.30 -0.70
N LYS A 496 15.54 0.03 -1.99
CA LYS A 496 16.56 -0.08 -3.04
C LYS A 496 16.86 1.30 -3.63
N ASN A 497 17.94 1.35 -4.43
CA ASN A 497 18.24 2.43 -5.36
C ASN A 497 17.80 1.94 -6.75
N TRP A 498 16.53 2.14 -7.12
CA TRP A 498 16.05 1.76 -8.45
C TRP A 498 14.83 2.58 -8.79
N GLU A 499 15.06 3.87 -9.12
CA GLU A 499 14.03 4.89 -9.17
C GLU A 499 12.85 4.48 -10.06
N THR A 500 13.16 3.86 -11.20
CA THR A 500 12.19 3.46 -12.21
C THR A 500 11.34 2.24 -11.76
N ASN A 501 11.82 1.51 -10.74
CA ASN A 501 11.09 0.35 -10.20
C ASN A 501 10.28 0.67 -8.94
N LYS A 502 10.08 1.98 -8.68
CA LYS A 502 9.52 2.54 -7.45
C LYS A 502 8.25 1.81 -7.02
N PHE A 503 7.31 1.61 -7.97
CA PHE A 503 6.05 0.96 -7.66
C PHE A 503 5.97 -0.47 -8.19
N SER A 504 7.11 -1.10 -8.51
CA SER A 504 7.00 -2.39 -9.20
C SER A 504 7.09 -3.60 -8.24
N GLY A 505 7.82 -3.37 -7.12
CA GLY A 505 8.23 -4.38 -6.15
C GLY A 505 9.63 -4.92 -6.48
N TYR A 506 10.32 -5.44 -5.44
CA TYR A 506 11.59 -6.17 -5.49
C TYR A 506 11.36 -7.45 -6.29
N PRO A 507 12.41 -8.08 -6.87
CA PRO A 507 12.18 -9.17 -7.80
C PRO A 507 11.33 -10.33 -7.32
N LEU A 508 11.50 -10.73 -6.06
CA LEU A 508 10.84 -11.96 -5.60
C LEU A 508 9.52 -11.68 -4.85
N TYR A 509 9.01 -10.48 -5.07
CA TYR A 509 7.72 -10.06 -4.50
C TYR A 509 6.63 -11.10 -4.76
N HIS A 510 6.01 -11.60 -3.66
CA HIS A 510 4.83 -12.50 -3.70
C HIS A 510 5.10 -13.85 -4.39
N SER A 511 6.37 -14.27 -4.44
CA SER A 511 6.84 -15.53 -5.00
C SER A 511 7.17 -16.50 -3.86
N VAL A 512 7.15 -17.82 -4.16
CA VAL A 512 7.50 -18.84 -3.18
C VAL A 512 8.95 -18.58 -2.75
N TYR A 513 9.71 -17.79 -3.52
CA TYR A 513 11.14 -17.67 -3.19
C TYR A 513 11.40 -16.62 -2.11
N GLU A 514 10.33 -15.92 -1.67
CA GLU A 514 10.48 -14.93 -0.60
C GLU A 514 10.56 -15.64 0.74
N THR A 515 11.80 -16.01 1.17
CA THR A 515 11.98 -16.89 2.29
C THR A 515 12.84 -16.21 3.37
N TYR A 516 12.91 -16.82 4.56
CA TYR A 516 13.89 -16.38 5.54
C TYR A 516 15.30 -16.30 4.94
N GLU A 517 15.69 -17.32 4.15
CA GLU A 517 17.05 -17.34 3.59
C GLU A 517 17.31 -16.16 2.65
N LEU A 518 16.29 -15.80 1.86
CA LEU A 518 16.43 -14.62 1.02
C LEU A 518 16.92 -13.45 1.84
N VAL A 519 16.24 -13.19 2.99
CA VAL A 519 16.58 -12.02 3.81
C VAL A 519 17.96 -12.19 4.46
N GLU A 520 18.15 -13.35 5.12
CA GLU A 520 19.35 -13.59 5.92
C GLU A 520 20.60 -13.62 5.04
N LYS A 521 20.50 -14.17 3.82
CA LYS A 521 21.67 -14.28 2.94
C LYS A 521 21.93 -13.01 2.14
N PHE A 522 20.88 -12.38 1.60
CA PHE A 522 21.09 -11.41 0.51
C PHE A 522 20.63 -10.00 0.86
N TYR A 523 19.72 -9.85 1.85
CA TYR A 523 19.21 -8.51 2.14
C TYR A 523 19.89 -7.92 3.37
N ASP A 524 19.94 -8.68 4.48
CA ASP A 524 20.23 -8.03 5.75
C ASP A 524 20.83 -9.03 6.72
N PRO A 525 22.03 -9.58 6.40
CA PRO A 525 22.61 -10.65 7.21
C PRO A 525 22.81 -10.33 8.68
N MET A 526 23.11 -9.06 8.99
CA MET A 526 23.36 -8.66 10.37
CA MET A 526 23.38 -8.61 10.36
C MET A 526 22.08 -8.11 11.02
N PHE A 527 20.98 -8.07 10.26
CA PHE A 527 19.70 -7.55 10.77
C PHE A 527 19.79 -6.09 11.23
N LYS A 528 20.78 -5.36 10.69
CA LYS A 528 20.94 -3.99 11.11
C LYS A 528 19.95 -3.05 10.41
N TYR A 529 19.53 -3.37 9.18
CA TYR A 529 18.53 -2.52 8.55
C TYR A 529 17.19 -2.75 9.24
N HIS A 530 16.87 -4.00 9.59
CA HIS A 530 15.68 -4.27 10.40
C HIS A 530 15.70 -3.49 11.71
N LEU A 531 16.85 -3.54 12.41
CA LEU A 531 16.93 -2.81 13.66
C LEU A 531 16.72 -1.31 13.42
N THR A 532 17.28 -0.74 12.34
CA THR A 532 17.13 0.71 12.12
C THR A 532 15.64 1.01 11.88
N VAL A 533 14.96 0.14 11.13
CA VAL A 533 13.54 0.37 10.87
C VAL A 533 12.73 0.20 12.14
N ALA A 534 13.08 -0.77 13.00
CA ALA A 534 12.42 -0.89 14.30
C ALA A 534 12.59 0.40 15.13
N GLN A 535 13.79 1.01 15.11
CA GLN A 535 14.00 2.28 15.79
C GLN A 535 13.14 3.42 15.21
N VAL A 536 13.05 3.49 13.88
CA VAL A 536 12.23 4.54 13.27
C VAL A 536 10.75 4.33 13.64
N ARG A 537 10.23 3.11 13.38
CA ARG A 537 8.79 2.90 13.61
C ARG A 537 8.48 3.01 15.11
N GLY A 538 9.27 2.31 15.92
CA GLY A 538 9.09 2.34 17.36
C GLY A 538 9.29 3.74 17.96
N GLY A 539 10.31 4.45 17.47
CA GLY A 539 10.55 5.81 17.92
C GLY A 539 9.38 6.74 17.62
N MET A 540 8.81 6.59 16.42
CA MET A 540 7.67 7.42 16.06
C MET A 540 6.50 7.14 17.02
N VAL A 541 6.22 5.85 17.28
CA VAL A 541 5.14 5.48 18.17
C VAL A 541 5.38 6.04 19.58
N PHE A 542 6.63 5.85 20.09
CA PHE A 542 7.02 6.38 21.39
C PHE A 542 6.73 7.87 21.50
N GLU A 543 7.18 8.67 20.52
CA GLU A 543 7.00 10.12 20.63
C GLU A 543 5.50 10.45 20.53
N LEU A 544 4.78 9.78 19.59
CA LEU A 544 3.35 10.10 19.43
C LEU A 544 2.58 9.76 20.70
N ALA A 545 3.00 8.65 21.36
CA ALA A 545 2.27 8.23 22.55
C ALA A 545 2.75 8.92 23.81
N ASN A 546 3.93 9.60 23.80
CA ASN A 546 4.47 10.06 25.09
C ASN A 546 4.69 11.57 25.17
N SER A 547 4.91 12.21 24.01
CA SER A 547 5.14 13.65 23.99
C SER A 547 3.97 14.41 24.60
N ILE A 548 4.27 15.40 25.45
CA ILE A 548 3.18 16.10 26.11
C ILE A 548 2.30 16.83 25.08
N VAL A 549 2.96 17.61 24.19
CA VAL A 549 2.27 18.18 23.05
C VAL A 549 2.43 17.21 21.88
N LEU A 550 1.32 16.89 21.17
CA LEU A 550 1.43 15.96 20.05
C LEU A 550 2.49 16.46 19.08
N PRO A 551 3.38 15.57 18.55
CA PRO A 551 4.49 16.01 17.70
C PRO A 551 4.12 16.17 16.22
N PHE A 552 3.15 17.07 15.99
CA PHE A 552 2.65 17.39 14.66
C PHE A 552 2.95 18.86 14.42
N ASP A 553 3.39 19.20 13.21
CA ASP A 553 3.58 20.62 12.92
C ASP A 553 2.62 21.03 11.81
N CYS A 554 1.53 21.72 12.18
CA CYS A 554 0.54 22.14 11.19
C CYS A 554 1.16 23.01 10.08
N ARG A 555 2.26 23.75 10.32
CA ARG A 555 2.83 24.57 9.25
C ARG A 555 3.34 23.75 8.06
N ASP A 556 3.74 22.49 8.32
CA ASP A 556 4.21 21.63 7.24
C ASP A 556 3.05 21.32 6.29
N TYR A 557 1.83 21.25 6.83
CA TYR A 557 0.68 21.05 5.92
C TYR A 557 0.53 22.31 5.06
N ALA A 558 0.71 23.50 5.64
CA ALA A 558 0.51 24.71 4.85
C ALA A 558 1.46 24.75 3.64
N VAL A 559 2.71 24.36 3.86
CA VAL A 559 3.69 24.37 2.79
C VAL A 559 3.26 23.41 1.66
N VAL A 560 2.82 22.18 2.01
CA VAL A 560 2.51 21.27 0.91
C VAL A 560 1.21 21.66 0.20
N LEU A 561 0.26 22.25 0.93
CA LEU A 561 -1.01 22.63 0.30
C LEU A 561 -0.72 23.62 -0.83
N ARG A 562 0.27 24.50 -0.62
CA ARG A 562 0.60 25.48 -1.65
C ARG A 562 1.23 24.80 -2.85
N LYS A 563 2.13 23.83 -2.58
CA LYS A 563 2.74 23.07 -3.65
C LYS A 563 1.64 22.35 -4.46
N TYR A 564 0.69 21.71 -3.75
CA TYR A 564 -0.32 20.97 -4.49
C TYR A 564 -1.24 21.91 -5.27
N ALA A 565 -1.53 23.10 -4.71
CA ALA A 565 -2.38 24.04 -5.41
C ALA A 565 -1.66 24.52 -6.69
N ASP A 566 -0.37 24.90 -6.55
CA ASP A 566 0.40 25.26 -7.74
C ASP A 566 0.37 24.14 -8.78
N LYS A 567 0.49 22.90 -8.34
CA LYS A 567 0.53 21.79 -9.26
C LYS A 567 -0.81 21.61 -10.00
N ILE A 568 -1.93 21.63 -9.26
CA ILE A 568 -3.22 21.43 -9.95
C ILE A 568 -3.56 22.63 -10.85
N TYR A 569 -3.21 23.85 -10.41
CA TYR A 569 -3.42 25.01 -11.25
C TYR A 569 -2.63 24.84 -12.57
N SER A 570 -1.38 24.35 -12.51
CA SER A 570 -0.57 24.17 -13.70
C SER A 570 -1.21 23.19 -14.67
N ILE A 571 -1.82 22.12 -14.12
CA ILE A 571 -2.49 21.15 -14.94
C ILE A 571 -3.62 21.82 -15.72
N SER A 572 -4.39 22.63 -15.01
CA SER A 572 -5.56 23.28 -15.61
C SER A 572 -5.13 24.27 -16.69
N MET A 573 -4.02 24.95 -16.43
CA MET A 573 -3.53 26.02 -17.31
C MET A 573 -2.99 25.52 -18.65
N LYS A 574 -2.92 24.21 -18.86
CA LYS A 574 -2.74 23.64 -20.18
C LYS A 574 -3.94 23.88 -21.08
N HIS A 575 -5.08 24.35 -20.52
CA HIS A 575 -6.32 24.58 -21.25
C HIS A 575 -6.80 26.01 -21.08
N PRO A 576 -5.99 27.02 -21.49
CA PRO A 576 -6.32 28.42 -21.21
C PRO A 576 -7.62 28.85 -21.86
N GLN A 577 -7.89 28.40 -23.10
CA GLN A 577 -9.12 28.85 -23.74
C GLN A 577 -10.34 28.40 -22.94
N GLU A 578 -10.35 27.13 -22.50
CA GLU A 578 -11.48 26.64 -21.73
C GLU A 578 -11.61 27.38 -20.41
N MET A 579 -10.47 27.66 -19.74
CA MET A 579 -10.58 28.38 -18.48
C MET A 579 -11.20 29.77 -18.68
N LYS A 580 -10.91 30.41 -19.83
CA LYS A 580 -11.56 31.68 -20.16
C LYS A 580 -13.07 31.50 -20.43
N THR A 581 -13.40 30.53 -21.28
CA THR A 581 -14.79 30.31 -21.69
C THR A 581 -15.65 29.97 -20.50
N TYR A 582 -15.15 29.11 -19.61
CA TYR A 582 -15.97 28.64 -18.52
C TYR A 582 -15.70 29.38 -17.21
N SER A 583 -14.86 30.43 -17.22
CA SER A 583 -14.60 31.22 -16.02
C SER A 583 -14.06 30.34 -14.90
N VAL A 584 -13.07 29.51 -15.24
CA VAL A 584 -12.52 28.57 -14.25
C VAL A 584 -11.43 29.32 -13.47
N SER A 585 -11.68 29.60 -12.19
CA SER A 585 -10.70 30.30 -11.35
C SER A 585 -10.24 29.44 -10.17
N PHE A 586 -8.92 29.42 -9.92
CA PHE A 586 -8.33 28.82 -8.72
C PHE A 586 -8.22 29.83 -7.57
N ASP A 587 -8.78 31.04 -7.70
CA ASP A 587 -8.57 32.08 -6.69
C ASP A 587 -9.00 31.61 -5.30
N SER A 588 -10.15 30.93 -5.22
CA SER A 588 -10.67 30.51 -3.92
C SER A 588 -9.72 29.49 -3.26
N LEU A 589 -9.17 28.57 -4.04
CA LEU A 589 -8.26 27.59 -3.47
C LEU A 589 -6.97 28.27 -2.95
N PHE A 590 -6.38 29.19 -3.74
CA PHE A 590 -5.19 29.88 -3.27
C PHE A 590 -5.51 30.71 -2.03
N SER A 591 -6.68 31.36 -2.02
CA SER A 591 -7.13 32.12 -0.84
C SER A 591 -7.19 31.23 0.40
N ALA A 592 -7.81 30.04 0.26
CA ALA A 592 -7.93 29.14 1.41
C ALA A 592 -6.55 28.68 1.90
N VAL A 593 -5.64 28.45 0.94
CA VAL A 593 -4.28 27.98 1.30
C VAL A 593 -3.55 29.09 2.05
N LYS A 594 -3.68 30.33 1.55
CA LYS A 594 -3.10 31.50 2.19
C LYS A 594 -3.63 31.65 3.62
N ASN A 595 -4.95 31.50 3.80
CA ASN A 595 -5.55 31.55 5.11
C ASN A 595 -5.00 30.44 6.01
N PHE A 596 -4.92 29.21 5.46
CA PHE A 596 -4.43 28.09 6.25
C PHE A 596 -3.01 28.43 6.74
N THR A 597 -2.21 28.99 5.85
CA THR A 597 -0.81 29.34 6.20
C THR A 597 -0.79 30.32 7.39
N GLU A 598 -1.60 31.38 7.28
CA GLU A 598 -1.64 32.44 8.27
C GLU A 598 -2.18 31.89 9.61
N ILE A 599 -3.27 31.12 9.59
CA ILE A 599 -3.85 30.62 10.83
C ILE A 599 -2.94 29.59 11.47
N ALA A 600 -2.29 28.76 10.64
CA ALA A 600 -1.38 27.74 11.16
C ALA A 600 -0.19 28.43 11.85
N SER A 601 0.29 29.53 11.26
CA SER A 601 1.40 30.26 11.87
C SER A 601 0.98 30.79 13.25
N LYS A 602 -0.22 31.35 13.34
CA LYS A 602 -0.71 31.86 14.62
C LYS A 602 -0.93 30.74 15.64
N PHE A 603 -1.49 29.60 15.22
CA PHE A 603 -1.70 28.49 16.14
C PHE A 603 -0.34 28.02 16.70
N SER A 604 0.66 27.95 15.84
CA SER A 604 1.97 27.47 16.26
C SER A 604 2.57 28.39 17.35
N GLU A 605 2.39 29.70 17.20
CA GLU A 605 2.85 30.65 18.21
C GLU A 605 2.13 30.40 19.53
N ARG A 606 0.80 30.20 19.47
CA ARG A 606 0.07 29.91 20.71
C ARG A 606 0.55 28.60 21.33
N LEU A 607 0.89 27.61 20.48
CA LEU A 607 1.29 26.30 20.99
C LEU A 607 2.63 26.44 21.72
N GLN A 608 3.44 27.40 21.28
CA GLN A 608 4.73 27.55 21.91
C GLN A 608 4.58 28.34 23.22
N ASP A 609 3.54 29.18 23.32
CA ASP A 609 3.41 30.23 24.33
C ASP A 609 2.42 29.98 25.48
N PHE A 610 1.97 28.74 25.76
CA PHE A 610 1.06 28.41 26.88
C PHE A 610 1.82 27.52 27.89
N SER A 613 1.31 25.46 32.37
N SER A 613 1.02 22.41 32.18
CA SER A 613 0.72 24.58 33.41
CA SER A 613 0.60 21.81 33.49
C SER A 613 -0.78 24.27 33.18
C SER A 613 -0.87 22.12 33.79
N ASN A 614 -1.38 24.67 32.04
N ASN A 614 -1.55 22.80 32.86
CA ASN A 614 -2.84 24.53 31.91
CA ASN A 614 -2.99 23.01 32.95
C ASN A 614 -3.19 23.32 31.05
C ASN A 614 -3.67 21.90 32.15
N PRO A 615 -3.71 22.23 31.67
N PRO A 615 -4.20 20.82 32.77
CA PRO A 615 -3.86 20.95 30.96
CA PRO A 615 -4.66 19.65 32.01
C PRO A 615 -5.06 21.01 30.00
C PRO A 615 -5.72 19.94 30.93
N ILE A 616 -6.01 21.90 30.28
N ILE A 616 -6.68 20.83 31.19
CA ILE A 616 -7.20 22.04 29.42
CA ILE A 616 -7.75 21.03 30.21
C ILE A 616 -6.79 22.72 28.12
C ILE A 616 -7.28 21.92 29.06
N VAL A 617 -6.02 23.81 28.24
N VAL A 617 -6.41 22.89 29.36
CA VAL A 617 -5.47 24.51 27.08
CA VAL A 617 -5.86 23.71 28.29
C VAL A 617 -4.60 23.54 26.29
C VAL A 617 -4.98 22.83 27.40
N LEU A 618 -3.75 22.77 26.99
N LEU A 618 -4.17 21.96 28.01
CA LEU A 618 -2.91 21.78 26.33
CA LEU A 618 -3.34 21.09 27.19
C LEU A 618 -3.78 20.77 25.57
C LEU A 618 -4.26 20.22 26.32
N ARG A 619 -4.76 20.17 26.26
N ARG A 619 -5.38 19.80 26.89
CA ARG A 619 -5.57 19.10 25.67
CA ARG A 619 -6.24 18.91 26.14
C ARG A 619 -6.47 19.72 24.60
C ARG A 619 -6.77 19.57 24.87
N MET A 620 -7.04 20.90 24.88
CA MET A 620 -7.69 21.68 23.82
CA MET A 620 -7.70 21.62 23.80
C MET A 620 -6.75 21.76 22.62
N MET A 621 -5.47 22.13 22.86
CA MET A 621 -4.61 22.33 21.71
C MET A 621 -4.16 20.96 21.11
N ASN A 622 -4.01 19.91 21.93
CA ASN A 622 -3.71 18.58 21.38
C ASN A 622 -4.94 18.09 20.57
N ASP A 623 -6.15 18.41 21.03
CA ASP A 623 -7.34 18.04 20.25
C ASP A 623 -7.31 18.74 18.89
N GLN A 624 -6.94 20.03 18.85
CA GLN A 624 -6.85 20.75 17.58
C GLN A 624 -5.83 20.05 16.69
N LEU A 625 -4.67 19.66 17.27
CA LEU A 625 -3.69 18.94 16.44
C LEU A 625 -4.22 17.59 15.95
N MET A 626 -4.91 16.88 16.83
CA MET A 626 -5.35 15.54 16.46
C MET A 626 -6.46 15.64 15.40
N PHE A 627 -7.36 16.62 15.58
CA PHE A 627 -8.49 16.72 14.64
C PHE A 627 -8.16 17.47 13.34
N LEU A 628 -6.90 17.92 13.17
CA LEU A 628 -6.55 18.65 11.96
C LEU A 628 -6.50 17.72 10.76
N GLU A 629 -5.91 16.51 10.88
CA GLU A 629 -6.02 15.57 9.77
C GLU A 629 -7.50 15.22 9.51
N ARG A 630 -8.26 15.15 10.59
CA ARG A 630 -9.66 14.72 10.51
C ARG A 630 -10.45 15.76 9.70
N ALA A 631 -10.04 17.02 9.76
CA ALA A 631 -10.78 18.07 9.09
C ALA A 631 -10.72 17.94 7.57
N PHE A 632 -9.73 17.19 7.02
CA PHE A 632 -9.67 17.08 5.58
C PHE A 632 -10.65 16.04 5.03
N ILE A 633 -11.38 15.36 5.92
CA ILE A 633 -12.36 14.36 5.48
C ILE A 633 -13.62 15.09 5.02
N ASP A 634 -14.18 14.62 3.89
CA ASP A 634 -15.49 15.08 3.43
C ASP A 634 -16.42 13.87 3.60
N PRO A 635 -17.51 13.98 4.38
CA PRO A 635 -18.35 12.81 4.65
C PRO A 635 -19.11 12.33 3.40
N LEU A 636 -19.13 13.15 2.34
CA LEU A 636 -19.75 12.70 1.10
C LEU A 636 -18.77 11.91 0.21
N GLY A 637 -17.48 11.87 0.59
CA GLY A 637 -16.51 11.08 -0.18
C GLY A 637 -16.16 11.75 -1.49
N LEU A 638 -15.28 11.11 -2.29
CA LEU A 638 -14.94 11.61 -3.61
C LEU A 638 -15.88 10.98 -4.64
N PRO A 639 -16.03 11.55 -5.86
CA PRO A 639 -16.99 11.01 -6.83
C PRO A 639 -16.84 9.53 -7.08
N ASP A 640 -17.95 8.78 -6.89
CA ASP A 640 -18.05 7.34 -7.10
C ASP A 640 -17.04 6.56 -6.25
N ARG A 641 -16.38 7.21 -5.29
CA ARG A 641 -15.49 6.48 -4.38
C ARG A 641 -15.81 6.92 -2.95
N PRO A 642 -16.93 6.42 -2.41
CA PRO A 642 -17.36 6.91 -1.10
C PRO A 642 -16.45 6.65 0.10
N PHE A 643 -15.51 5.68 0.00
CA PHE A 643 -14.64 5.36 1.13
C PHE A 643 -13.30 6.10 0.96
N TYR A 644 -13.13 6.88 -0.13
CA TYR A 644 -11.98 7.79 -0.14
C TYR A 644 -12.53 9.18 0.19
N ARG A 645 -12.35 9.62 1.45
CA ARG A 645 -13.07 10.80 1.95
C ARG A 645 -12.08 11.98 2.15
N HIS A 646 -10.78 11.69 2.06
CA HIS A 646 -9.84 12.77 2.38
C HIS A 646 -9.75 13.65 1.12
N VAL A 647 -9.82 14.98 1.23
CA VAL A 647 -9.92 15.82 0.05
C VAL A 647 -8.52 16.18 -0.47
N ILE A 648 -7.50 16.02 0.38
CA ILE A 648 -6.14 16.37 -0.08
C ILE A 648 -5.48 15.17 -0.77
N TYR A 649 -5.66 13.95 -0.21
CA TYR A 649 -4.96 12.76 -0.70
C TYR A 649 -5.96 11.65 -1.01
N ALA A 650 -5.84 11.03 -2.21
CA ALA A 650 -6.51 9.75 -2.45
C ALA A 650 -5.55 8.87 -3.24
N PRO A 651 -5.71 7.53 -3.24
CA PRO A 651 -4.93 6.67 -4.12
C PRO A 651 -5.28 7.10 -5.54
N SER A 652 -4.27 7.17 -6.42
CA SER A 652 -4.47 7.49 -7.83
C SER A 652 -5.51 6.56 -8.47
N SER A 653 -6.47 7.13 -9.24
CA SER A 653 -7.47 6.31 -9.91
C SER A 653 -6.82 5.45 -11.02
N HIS A 654 -5.55 5.71 -11.33
CA HIS A 654 -4.82 4.93 -12.36
C HIS A 654 -3.83 3.98 -11.73
N ASN A 655 -3.63 4.05 -10.40
CA ASN A 655 -2.56 3.25 -9.80
C ASN A 655 -2.72 3.33 -8.28
N LYS A 656 -3.33 2.30 -7.68
CA LYS A 656 -3.71 2.36 -6.26
C LYS A 656 -2.47 2.57 -5.38
N TYR A 657 -1.29 2.16 -5.85
CA TYR A 657 -0.12 2.35 -5.00
C TYR A 657 0.27 3.80 -4.80
N ALA A 658 0.03 4.63 -5.83
CA ALA A 658 0.52 6.01 -5.80
C ALA A 658 -0.49 6.95 -5.13
N GLY A 659 -0.01 7.92 -4.36
CA GLY A 659 -0.99 8.91 -3.93
C GLY A 659 -1.13 10.02 -4.95
N GLU A 660 -2.31 10.65 -4.98
CA GLU A 660 -2.57 11.81 -5.83
C GLU A 660 -3.00 12.94 -4.91
N SER A 661 -2.59 14.19 -5.21
CA SER A 661 -3.04 15.29 -4.37
C SER A 661 -4.19 16.03 -5.08
N PHE A 662 -5.02 16.73 -4.29
CA PHE A 662 -6.31 17.26 -4.75
C PHE A 662 -6.92 16.30 -5.77
N PRO A 663 -7.18 15.03 -5.35
CA PRO A 663 -7.64 14.01 -6.29
C PRO A 663 -8.97 14.35 -6.96
N GLY A 664 -9.85 15.08 -6.26
CA GLY A 664 -11.14 15.39 -6.87
C GLY A 664 -10.94 16.30 -8.10
N ILE A 665 -10.12 17.36 -7.93
CA ILE A 665 -9.81 18.23 -9.07
C ILE A 665 -8.98 17.47 -10.12
N TYR A 666 -8.01 16.67 -9.67
CA TYR A 666 -7.15 15.97 -10.61
C TYR A 666 -7.97 15.11 -11.60
N ASP A 667 -8.86 14.28 -11.05
CA ASP A 667 -9.69 13.37 -11.81
C ASP A 667 -10.67 14.18 -12.71
N ALA A 668 -11.17 15.34 -12.23
CA ALA A 668 -12.03 16.15 -13.08
C ALA A 668 -11.26 16.70 -14.29
N LEU A 669 -9.95 16.96 -14.13
CA LEU A 669 -9.15 17.51 -15.23
C LEU A 669 -8.59 16.42 -16.14
N PHE A 670 -8.57 15.16 -15.69
CA PHE A 670 -7.82 14.13 -16.40
C PHE A 670 -8.47 13.84 -17.75
N ASP A 671 -7.68 13.93 -18.82
CA ASP A 671 -8.16 13.63 -20.17
C ASP A 671 -9.37 14.50 -20.51
N ILE A 672 -9.43 15.74 -20.00
CA ILE A 672 -10.66 16.51 -20.16
C ILE A 672 -10.88 16.87 -21.63
N GLU A 673 -9.78 16.97 -22.40
CA GLU A 673 -9.89 17.37 -23.80
C GLU A 673 -10.64 16.30 -24.60
N SER A 674 -10.86 15.13 -24.00
CA SER A 674 -11.58 14.08 -24.70
C SER A 674 -13.05 14.04 -24.31
N LYS A 675 -13.52 14.92 -23.41
CA LYS A 675 -14.90 14.79 -22.98
C LYS A 675 -15.83 15.40 -24.03
N VAL A 676 -17.01 14.80 -24.26
CA VAL A 676 -17.85 15.25 -25.37
C VAL A 676 -18.58 16.53 -25.00
N ASP A 677 -18.86 16.74 -23.72
CA ASP A 677 -19.58 17.91 -23.24
C ASP A 677 -18.63 18.76 -22.39
N PRO A 678 -17.82 19.65 -23.00
CA PRO A 678 -16.83 20.41 -22.23
C PRO A 678 -17.46 21.27 -21.15
N SER A 679 -18.68 21.81 -21.40
CA SER A 679 -19.31 22.68 -20.43
CA SER A 679 -19.29 22.68 -20.42
C SER A 679 -19.57 21.89 -19.15
N LYS A 680 -20.08 20.67 -19.32
CA LYS A 680 -20.35 19.84 -18.16
C LYS A 680 -19.04 19.49 -17.45
N ALA A 681 -18.01 19.10 -18.22
CA ALA A 681 -16.73 18.67 -17.68
C ALA A 681 -16.04 19.80 -16.92
N TRP A 682 -15.97 21.01 -17.49
CA TRP A 682 -15.40 22.16 -16.80
C TRP A 682 -16.24 22.61 -15.61
N GLY A 683 -17.57 22.41 -15.66
CA GLY A 683 -18.43 22.68 -14.50
C GLY A 683 -18.00 21.82 -13.31
N GLU A 684 -17.63 20.57 -13.62
CA GLU A 684 -17.25 19.60 -12.59
C GLU A 684 -15.87 19.97 -12.08
N VAL A 685 -14.97 20.48 -12.95
CA VAL A 685 -13.72 21.02 -12.42
C VAL A 685 -14.01 22.11 -11.39
N LYS A 686 -14.87 23.07 -11.75
CA LYS A 686 -15.16 24.18 -10.85
C LYS A 686 -15.78 23.67 -9.56
N ARG A 687 -16.67 22.66 -9.68
CA ARG A 687 -17.26 22.13 -8.45
C ARG A 687 -16.18 21.56 -7.52
N GLN A 688 -15.19 20.86 -8.10
CA GLN A 688 -14.15 20.26 -7.27
C GLN A 688 -13.23 21.36 -6.69
N ILE A 689 -13.03 22.47 -7.43
CA ILE A 689 -12.23 23.55 -6.88
C ILE A 689 -12.92 24.12 -5.63
N TYR A 690 -14.23 24.33 -5.72
CA TYR A 690 -15.02 24.82 -4.59
C TYR A 690 -14.97 23.83 -3.41
N VAL A 691 -15.11 22.54 -3.68
CA VAL A 691 -15.03 21.59 -2.55
C VAL A 691 -13.65 21.65 -1.88
N ALA A 692 -12.59 21.73 -2.69
CA ALA A 692 -11.24 21.73 -2.12
C ALA A 692 -10.99 23.02 -1.36
N ALA A 693 -11.36 24.19 -1.95
CA ALA A 693 -11.16 25.47 -1.26
C ALA A 693 -11.92 25.49 0.08
N PHE A 694 -13.18 25.05 0.05
CA PHE A 694 -13.96 25.03 1.28
C PHE A 694 -13.30 24.11 2.30
N THR A 695 -12.83 22.93 1.86
CA THR A 695 -12.30 21.99 2.86
C THR A 695 -11.02 22.55 3.48
N VAL A 696 -10.16 23.17 2.63
CA VAL A 696 -8.94 23.77 3.17
C VAL A 696 -9.27 24.85 4.18
N GLN A 697 -10.18 25.77 3.83
CA GLN A 697 -10.59 26.82 4.77
C GLN A 697 -11.19 26.23 6.05
N ALA A 698 -12.02 25.19 5.92
CA ALA A 698 -12.64 24.59 7.10
C ALA A 698 -11.58 23.98 8.02
N ALA A 699 -10.57 23.32 7.42
CA ALA A 699 -9.49 22.73 8.22
C ALA A 699 -8.70 23.84 8.91
N ALA A 700 -8.41 24.91 8.17
CA ALA A 700 -7.71 26.05 8.75
C ALA A 700 -8.47 26.56 9.98
N GLU A 701 -9.80 26.70 9.84
CA GLU A 701 -10.58 27.29 10.91
C GLU A 701 -10.62 26.40 12.16
N THR A 702 -10.29 25.11 12.05
CA THR A 702 -10.21 24.26 13.25
C THR A 702 -9.00 24.65 14.11
N LEU A 703 -8.10 25.45 13.54
CA LEU A 703 -6.89 25.87 14.25
C LEU A 703 -7.04 27.30 14.75
N SER A 704 -8.15 27.99 14.40
CA SER A 704 -8.40 29.32 14.98
C SER A 704 -8.66 29.20 16.48
N GLU A 705 -8.55 30.32 17.23
CA GLU A 705 -9.07 30.30 18.59
C GLU A 705 -10.50 29.78 18.61
N VAL A 706 -10.82 28.96 19.63
CA VAL A 706 -12.02 28.12 19.60
C VAL A 706 -13.25 28.95 19.96
N ALA A 707 -13.06 30.09 20.62
CA ALA A 707 -14.16 30.96 21.01
C ALA A 707 -13.58 32.34 21.34
#